data_7KR3
#
_entry.id   7KR3
#
_cell.length_a   73.681
_cell.length_b   101.665
_cell.length_c   115.500
_cell.angle_alpha   90.000
_cell.angle_beta   90.000
_cell.angle_gamma   90.000
#
_symmetry.space_group_name_H-M   'P 21 21 21'
#
loop_
_entity.id
_entity.type
_entity.pdbx_description
1 polymer 'DNA ligase 1'
2 polymer "DNA (5'-D(*AP*AP*TP*GP*TP*CP*TP*GP*CP*CP*CP*C)-3')"
3 polymer "DNA (5'-D(P*AP*TP*TP*CP*TP*GP*C)-3')"
4 polymer "DNA (5'-D(*GP*CP*AP*GP*AP*AP*TP*GP*GP*GP*CP*AP*GP*AP*CP*AP*TP*T)-3')"
5 non-polymer 'ADENOSINE MONOPHOSPHATE'
6 non-polymer 'ACETATE ION'
7 water water
#
loop_
_entity_poly.entity_id
_entity_poly.type
_entity_poly.pdbx_seq_one_letter_code
_entity_poly.pdbx_strand_id
1 'polypeptide(L)'
;SNDMDPSGYNPAKNNYHPVEDACWKPGQKVPYLAVARTFEKIEEVSARLRMVETLSNLLRSVVALSPPDLLPVLYLSLNH
LGPPQQGLALGVGDGVLLKAVAQATGRQLESVRAEAAEKGDVGLVAENSRSTQRLMLPPPPLTASGVFSKFRDIARLTGS
ASTAKKIDIIKGLFVACRHSEARFIARSLSGRLRLGLAEQSVLAALSQAVSLTPPGQEFPPAMVDAGKGKTAEARKTWLE
EQGMILKQTFCEVPDLDRIIPVLLEHGLERLPEHCKLSPGIPLKPMLAHPTRGISEVLKRFEEAAFTCEYKYDGQRAQIH
ALEGGEVKIFSRNQADNTGKYPDIISRIPKIKLPSVTSFILDTEAVAWDREKKQIQPFQVLTTRKRKEVDASEIQVQVCL
YAFDLIYLNGESLVREPLSRRRQLLRENFVETEGEFVFATSLDTKDIEQIAEFLEQSVKDSCEGLMVKTLDVDATYEIAK
RSHNWLKLKKDYLDGVGDTLDLVVIGAYLGRGKRAGRYGGFLLASYDEDSEELQAICKLGTGFSDEELEEHHQSLKALVL
PSPRPYVRIDGAVIPDHWLDPSAVWEVKCADLSLSPIYPAARGLVDSDKGISLRFPRFIRVREDKQPEQATTSAQVACLY
RKQSQIQ
;
A
2 'polydeoxyribonucleotide' (DA)(DA)(DT)(DG)(DT)(DC)(DT)(DG)(DC)(DC)(DC)(DC) B
3 'polydeoxyribonucleotide' (DA)(DT)(DT)(DC)(DT)(DG)(DC) C
4 'polydeoxyribonucleotide' (DG)(DC)(DA)(DG)(DA)(DA)(DT)(DG)(DG)(DG)(DC)(DA)(DG)(DA)(DC)(DA)(DT)(DT) D
#
# COMPACT_ATOMS: atom_id res chain seq x y z
N ASP A 5 33.32 -1.43 17.98
CA ASP A 5 32.56 -2.61 17.60
C ASP A 5 31.10 -2.25 17.30
N PRO A 6 30.60 -2.67 16.13
CA PRO A 6 29.22 -2.30 15.75
C PRO A 6 28.15 -2.85 16.68
N SER A 7 28.49 -3.74 17.61
CA SER A 7 27.48 -4.23 18.54
C SER A 7 27.14 -3.19 19.60
N GLY A 8 28.11 -2.37 20.00
CA GLY A 8 27.87 -1.29 20.92
C GLY A 8 27.34 -0.02 20.28
N TYR A 9 27.07 -0.06 18.98
CA TYR A 9 26.55 1.10 18.28
C TYR A 9 25.25 1.58 18.91
N ASN A 10 25.13 2.90 19.07
CA ASN A 10 23.96 3.51 19.69
C ASN A 10 23.60 4.79 18.95
N PRO A 11 22.85 4.68 17.84
CA PRO A 11 22.45 5.90 17.12
C PRO A 11 21.42 6.74 17.85
N ALA A 12 20.73 6.18 18.84
CA ALA A 12 19.85 6.96 19.71
C ALA A 12 20.62 7.70 20.79
N LYS A 13 21.94 7.76 20.65
CA LYS A 13 22.82 8.40 21.63
C LYS A 13 22.57 9.92 21.66
N ASN A 14 22.81 10.52 22.82
CA ASN A 14 22.79 11.96 22.93
C ASN A 14 24.11 12.55 22.46
N ASN A 15 24.04 13.75 21.87
CA ASN A 15 25.21 14.39 21.31
C ASN A 15 25.91 13.47 20.30
N TYR A 16 25.11 12.78 19.49
CA TYR A 16 25.65 11.84 18.52
C TYR A 16 26.60 12.56 17.56
N HIS A 17 27.79 11.98 17.39
CA HIS A 17 28.80 12.53 16.49
C HIS A 17 28.92 11.61 15.28
N PRO A 18 28.58 12.09 14.08
CA PRO A 18 28.57 11.18 12.91
C PRO A 18 29.86 10.42 12.68
N VAL A 19 31.00 10.95 13.12
CA VAL A 19 32.29 10.30 12.93
C VAL A 19 32.72 9.55 14.18
N GLU A 20 32.75 10.23 15.32
CA GLU A 20 33.24 9.59 16.55
C GLU A 20 32.33 8.45 16.96
N ASP A 21 31.02 8.69 17.03
CA ASP A 21 30.07 7.70 17.51
C ASP A 21 29.71 6.65 16.45
N ALA A 22 30.12 6.85 15.20
CA ALA A 22 29.94 5.80 14.21
C ALA A 22 30.74 4.56 14.60
N CYS A 23 30.29 3.39 14.13
CA CYS A 23 30.90 2.13 14.50
C CYS A 23 31.67 1.49 13.34
N TRP A 24 32.00 2.26 12.32
CA TRP A 24 32.90 1.81 11.26
C TRP A 24 33.76 2.99 10.84
N LYS A 25 34.84 2.70 10.12
CA LYS A 25 35.81 3.74 9.81
C LYS A 25 35.60 4.30 8.42
N PRO A 26 36.13 5.49 8.16
CA PRO A 26 35.81 6.19 6.90
C PRO A 26 36.18 5.37 5.67
N GLY A 27 35.32 5.45 4.66
CA GLY A 27 35.55 4.73 3.41
C GLY A 27 35.11 3.29 3.46
N GLN A 28 35.30 2.66 4.62
CA GLN A 28 34.87 1.28 4.85
C GLN A 28 33.41 1.10 4.46
N LYS A 29 32.99 -0.14 4.27
CA LYS A 29 31.62 -0.44 3.87
C LYS A 29 30.73 -0.54 5.10
N VAL A 30 29.56 0.09 5.04
CA VAL A 30 28.63 0.16 6.16
C VAL A 30 28.28 -1.25 6.62
N PRO A 31 28.55 -1.60 7.87
CA PRO A 31 28.13 -2.92 8.38
C PRO A 31 26.61 -3.00 8.47
N TYR A 32 26.07 -4.18 8.16
CA TYR A 32 24.64 -4.36 8.30
C TYR A 32 24.21 -4.33 9.76
N LEU A 33 25.11 -4.69 10.67
CA LEU A 33 24.77 -4.64 12.10
C LEU A 33 24.44 -3.21 12.53
N ALA A 34 25.18 -2.23 12.01
CA ALA A 34 24.87 -0.85 12.32
C ALA A 34 23.48 -0.46 11.81
N VAL A 35 23.04 -1.10 10.73
CA VAL A 35 21.67 -0.87 10.24
C VAL A 35 20.65 -1.65 11.06
N ALA A 36 21.08 -2.69 11.78
CA ALA A 36 20.17 -3.44 12.62
C ALA A 36 19.96 -2.75 13.97
N ARG A 37 21.06 -2.34 14.62
CA ARG A 37 20.93 -1.64 15.89
C ARG A 37 20.12 -0.37 15.74
N THR A 38 20.29 0.35 14.63
CA THR A 38 19.43 1.48 14.33
C THR A 38 17.97 1.05 14.35
N PHE A 39 17.66 -0.05 13.65
CA PHE A 39 16.31 -0.60 13.69
C PHE A 39 15.91 -0.97 15.10
N GLU A 40 16.87 -1.43 15.93
CA GLU A 40 16.56 -1.72 17.33
C GLU A 40 16.13 -0.45 18.05
N LYS A 41 16.90 0.63 17.92
CA LYS A 41 16.59 1.86 18.63
C LYS A 41 15.30 2.50 18.13
N ILE A 42 14.98 2.33 16.85
CA ILE A 42 13.74 2.88 16.31
C ILE A 42 12.54 2.06 16.78
N GLU A 43 12.65 0.73 16.69
CA GLU A 43 11.62 -0.15 17.23
C GLU A 43 11.38 0.11 18.70
N GLU A 44 12.41 0.57 19.42
CA GLU A 44 12.36 0.74 20.86
C GLU A 44 11.46 1.88 21.32
N VAL A 45 10.98 2.71 20.41
CA VAL A 45 10.25 3.92 20.75
C VAL A 45 8.98 4.00 19.91
N SER A 46 8.18 5.02 20.19
CA SER A 46 6.91 5.24 19.48
C SER A 46 6.68 6.67 19.03
N ALA A 47 7.46 7.63 19.51
CA ALA A 47 7.36 9.02 19.07
C ALA A 47 8.14 9.15 17.76
N ARG A 48 7.43 9.38 16.66
CA ARG A 48 8.08 9.41 15.35
C ARG A 48 9.26 10.38 15.33
N LEU A 49 9.10 11.55 15.95
CA LEU A 49 10.20 12.51 15.97
C LEU A 49 11.45 11.92 16.60
N ARG A 50 11.30 10.98 17.53
CA ARG A 50 12.44 10.31 18.12
C ARG A 50 13.03 9.27 17.16
N MET A 51 12.18 8.56 16.43
CA MET A 51 12.67 7.60 15.44
C MET A 51 13.44 8.31 14.34
N VAL A 52 12.88 9.40 13.80
CA VAL A 52 13.51 10.09 12.69
C VAL A 52 14.91 10.56 13.07
N GLU A 53 15.08 11.05 14.30
CA GLU A 53 16.40 11.50 14.73
C GLU A 53 17.38 10.34 14.78
N THR A 54 16.97 9.20 15.35
CA THR A 54 17.85 8.05 15.42
C THR A 54 18.27 7.59 14.03
N LEU A 55 17.31 7.46 13.13
CA LEU A 55 17.66 7.11 11.75
C LEU A 55 18.45 8.22 11.08
N SER A 56 18.22 9.48 11.46
CA SER A 56 18.98 10.57 10.89
C SER A 56 20.45 10.49 11.29
N ASN A 57 20.73 10.09 12.52
CA ASN A 57 22.12 9.94 12.96
C ASN A 57 22.83 8.88 12.12
N LEU A 58 22.18 7.76 11.84
CA LEU A 58 22.78 6.73 11.02
C LEU A 58 23.10 7.25 9.62
N LEU A 59 22.12 7.93 8.99
CA LEU A 59 22.33 8.45 7.64
C LEU A 59 23.47 9.44 7.61
N ARG A 60 23.57 10.31 8.63
CA ARG A 60 24.66 11.27 8.69
C ARG A 60 26.01 10.56 8.63
N SER A 61 26.20 9.54 9.48
CA SER A 61 27.44 8.78 9.44
C SER A 61 27.70 8.22 8.06
N VAL A 62 26.66 7.73 7.38
CA VAL A 62 26.83 7.19 6.04
C VAL A 62 27.31 8.28 5.08
N VAL A 63 26.67 9.45 5.14
CA VAL A 63 27.03 10.53 4.22
C VAL A 63 28.48 10.95 4.42
N ALA A 64 28.91 11.06 5.69
CA ALA A 64 30.27 11.51 5.96
C ALA A 64 31.30 10.41 5.77
N LEU A 65 30.93 9.15 6.02
CA LEU A 65 31.88 8.05 5.99
C LEU A 65 31.80 7.21 4.72
N SER A 66 30.61 6.76 4.35
CA SER A 66 30.42 5.80 3.26
C SER A 66 29.33 6.30 2.31
N PRO A 67 29.61 7.36 1.56
CA PRO A 67 28.59 7.96 0.70
C PRO A 67 27.95 6.94 -0.22
N PRO A 68 28.72 6.08 -0.89
CA PRO A 68 28.12 5.14 -1.84
C PRO A 68 27.05 4.26 -1.22
N ASP A 69 27.18 3.91 0.06
CA ASP A 69 26.21 3.03 0.71
C ASP A 69 24.95 3.76 1.14
N LEU A 70 24.83 5.06 0.88
CA LEU A 70 23.63 5.79 1.28
C LEU A 70 22.39 5.21 0.63
N LEU A 71 22.41 5.08 -0.69
CA LEU A 71 21.23 4.55 -1.39
C LEU A 71 20.83 3.17 -0.90
N PRO A 72 21.75 2.22 -0.71
CA PRO A 72 21.33 0.92 -0.16
C PRO A 72 20.70 1.03 1.22
N VAL A 73 21.33 1.77 2.14
CA VAL A 73 20.80 1.88 3.50
C VAL A 73 19.39 2.46 3.48
N LEU A 74 19.12 3.39 2.56
CA LEU A 74 17.77 3.93 2.43
C LEU A 74 16.77 2.81 2.11
N TYR A 75 16.95 2.15 0.96
CA TYR A 75 16.04 1.09 0.55
C TYR A 75 15.91 0.03 1.64
N LEU A 76 17.03 -0.36 2.25
CA LEU A 76 16.98 -1.34 3.33
C LEU A 76 15.99 -0.93 4.41
N SER A 77 16.02 0.34 4.80
CA SER A 77 15.12 0.82 5.85
C SER A 77 13.69 1.01 5.34
N LEU A 78 13.53 1.40 4.08
CA LEU A 78 12.20 1.41 3.47
C LEU A 78 11.69 0.01 3.23
N ASN A 79 12.58 -0.98 3.14
CA ASN A 79 12.22 -2.34 2.78
C ASN A 79 11.68 -2.41 1.35
N HIS A 80 12.41 -1.80 0.43
CA HIS A 80 12.10 -1.82 -0.98
C HIS A 80 13.34 -2.23 -1.76
N LEU A 81 13.12 -2.64 -3.01
CA LEU A 81 14.22 -3.05 -3.88
C LEU A 81 14.65 -1.97 -4.86
N GLY A 82 13.83 -0.95 -5.07
CA GLY A 82 14.18 0.13 -5.96
C GLY A 82 12.97 0.94 -6.39
N PRO A 83 13.14 1.74 -7.44
CA PRO A 83 12.00 2.50 -7.98
C PRO A 83 10.84 1.57 -8.30
N PRO A 84 9.62 1.93 -7.87
CA PRO A 84 8.48 1.02 -8.09
C PRO A 84 8.18 0.78 -9.55
N GLN A 85 8.60 1.66 -10.46
CA GLN A 85 8.32 1.46 -11.88
C GLN A 85 9.22 0.42 -12.53
N GLN A 86 10.27 -0.02 -11.84
CA GLN A 86 11.10 -1.11 -12.38
C GLN A 86 10.45 -2.46 -12.13
N GLY A 87 9.93 -2.69 -10.93
CA GLY A 87 9.13 -3.87 -10.64
C GLY A 87 9.82 -4.95 -9.85
N LEU A 88 11.11 -4.81 -9.54
CA LEU A 88 11.84 -5.83 -8.80
C LEU A 88 11.03 -6.34 -7.62
N ALA A 89 10.82 -7.65 -7.57
CA ALA A 89 10.01 -8.29 -6.53
C ALA A 89 10.78 -9.48 -5.97
N LEU A 90 10.78 -9.60 -4.63
CA LEU A 90 11.50 -10.70 -4.00
C LEU A 90 11.00 -12.05 -4.49
N GLY A 91 9.69 -12.21 -4.64
CA GLY A 91 9.12 -13.51 -4.92
C GLY A 91 9.21 -14.48 -3.76
N VAL A 92 9.59 -14.01 -2.58
CA VAL A 92 9.73 -14.84 -1.40
C VAL A 92 8.59 -14.52 -0.44
N GLY A 93 7.85 -15.55 -0.03
CA GLY A 93 6.83 -15.43 0.97
C GLY A 93 7.22 -16.14 2.26
N ASP A 94 6.21 -16.29 3.14
CA ASP A 94 6.45 -17.02 4.38
C ASP A 94 6.88 -18.46 4.10
N GLY A 95 6.39 -19.05 3.03
CA GLY A 95 6.76 -20.40 2.67
C GLY A 95 8.24 -20.57 2.37
N VAL A 96 8.72 -19.88 1.33
CA VAL A 96 10.13 -19.97 0.97
C VAL A 96 11.00 -19.53 2.15
N LEU A 97 10.57 -18.51 2.89
CA LEU A 97 11.35 -18.03 4.02
C LEU A 97 11.39 -19.08 5.13
N LEU A 98 10.22 -19.56 5.57
CA LEU A 98 10.19 -20.56 6.63
C LEU A 98 11.03 -21.78 6.28
N LYS A 99 10.96 -22.22 5.02
CA LYS A 99 11.81 -23.33 4.59
C LYS A 99 13.28 -22.94 4.68
N ALA A 100 13.60 -21.68 4.34
CA ALA A 100 14.98 -21.22 4.45
C ALA A 100 15.45 -21.24 5.90
N VAL A 101 14.57 -20.87 6.84
CA VAL A 101 14.95 -20.88 8.25
C VAL A 101 15.17 -22.30 8.75
N ALA A 102 14.33 -23.24 8.30
CA ALA A 102 14.44 -24.61 8.75
C ALA A 102 15.79 -25.21 8.36
N GLN A 103 16.15 -25.12 7.08
CA GLN A 103 17.40 -25.71 6.62
C GLN A 103 18.61 -25.04 7.24
N ALA A 104 18.51 -23.74 7.54
CA ALA A 104 19.63 -23.03 8.15
C ALA A 104 19.86 -23.46 9.59
N THR A 105 18.86 -24.05 10.25
CA THR A 105 19.00 -24.49 11.63
C THR A 105 18.69 -25.97 11.81
N GLY A 106 18.63 -26.74 10.72
CA GLY A 106 18.34 -28.16 10.78
C GLY A 106 17.03 -28.54 11.42
N ARG A 107 16.24 -27.59 11.91
CA ARG A 107 14.97 -27.92 12.53
C ARG A 107 13.97 -28.43 11.50
N GLN A 108 12.85 -28.95 11.99
CA GLN A 108 11.76 -29.38 11.12
C GLN A 108 10.96 -28.18 10.65
N LEU A 109 10.56 -28.20 9.38
CA LEU A 109 9.78 -27.08 8.83
C LEU A 109 8.51 -26.84 9.64
N GLU A 110 7.85 -27.92 10.07
CA GLU A 110 6.61 -27.76 10.82
C GLU A 110 6.86 -27.20 12.21
N SER A 111 8.01 -27.52 12.81
CA SER A 111 8.36 -26.90 14.09
C SER A 111 8.60 -25.40 13.93
N VAL A 112 9.28 -25.01 12.86
CA VAL A 112 9.51 -23.59 12.61
C VAL A 112 8.20 -22.87 12.33
N ARG A 113 7.38 -23.45 11.46
CA ARG A 113 6.11 -22.80 11.10
C ARG A 113 5.24 -22.58 12.33
N ALA A 114 5.29 -23.49 13.30
CA ALA A 114 4.49 -23.33 14.50
C ALA A 114 4.96 -22.13 15.33
N GLU A 115 6.25 -22.11 15.66
CA GLU A 115 6.77 -21.01 16.48
C GLU A 115 6.53 -19.66 15.81
N ALA A 116 6.61 -19.62 14.47
CA ALA A 116 6.36 -18.37 13.76
C ALA A 116 4.92 -17.90 13.96
N ALA A 117 3.97 -18.83 13.83
CA ALA A 117 2.57 -18.48 14.06
C ALA A 117 2.34 -18.08 15.51
N GLU A 118 2.89 -18.86 16.45
CA GLU A 118 2.70 -18.57 17.86
C GLU A 118 3.20 -17.18 18.22
N LYS A 119 4.46 -16.90 17.93
CA LYS A 119 5.06 -15.62 18.31
C LYS A 119 4.70 -14.48 17.37
N GLY A 120 4.06 -14.77 16.25
CA GLY A 120 3.62 -13.72 15.34
C GLY A 120 4.73 -12.93 14.69
N ASP A 121 5.92 -13.52 14.56
CA ASP A 121 7.05 -12.84 13.93
C ASP A 121 8.03 -13.89 13.43
N VAL A 122 8.46 -13.74 12.18
CA VAL A 122 9.39 -14.71 11.61
C VAL A 122 10.82 -14.40 12.05
N GLY A 123 11.15 -13.12 12.26
CA GLY A 123 12.51 -12.77 12.62
C GLY A 123 12.92 -13.29 13.98
N LEU A 124 12.01 -13.27 14.95
CA LEU A 124 12.34 -13.76 16.28
C LEU A 124 12.68 -15.24 16.27
N VAL A 125 12.06 -16.02 15.38
CA VAL A 125 12.39 -17.43 15.27
C VAL A 125 13.75 -17.61 14.59
N ALA A 126 14.02 -16.81 13.55
CA ALA A 126 15.22 -17.01 12.75
C ALA A 126 16.50 -16.78 13.56
N GLU A 127 16.48 -15.84 14.50
CA GLU A 127 17.69 -15.50 15.26
C GLU A 127 17.92 -16.44 16.44
N ASN A 128 16.85 -16.84 17.14
CA ASN A 128 17.02 -17.67 18.33
C ASN A 128 17.53 -19.07 17.97
N SER A 129 17.24 -19.55 16.76
CA SER A 129 17.58 -20.91 16.37
C SER A 129 18.92 -21.00 15.63
N ARG A 130 19.66 -19.90 15.52
CA ARG A 130 20.93 -19.89 14.83
C ARG A 130 21.91 -20.92 15.37
N PRO A 139 32.99 -16.69 8.61
CA PRO A 139 32.29 -15.88 7.63
C PRO A 139 32.42 -14.38 7.91
N PRO A 140 32.61 -13.57 6.87
CA PRO A 140 32.75 -12.14 7.07
C PRO A 140 31.45 -11.53 7.56
N PRO A 141 31.52 -10.50 8.40
CA PRO A 141 30.28 -9.85 8.87
C PRO A 141 29.54 -9.18 7.72
N LEU A 142 28.21 -9.28 7.77
CA LEU A 142 27.38 -8.76 6.69
C LEU A 142 27.51 -7.24 6.56
N THR A 143 27.48 -6.76 5.32
CA THR A 143 27.53 -5.35 5.02
C THR A 143 26.18 -4.90 4.47
N ALA A 144 25.84 -3.64 4.72
CA ALA A 144 24.56 -3.11 4.27
C ALA A 144 24.43 -3.20 2.76
N SER A 145 25.40 -2.66 2.02
CA SER A 145 25.36 -2.73 0.57
C SER A 145 25.42 -4.17 0.08
N GLY A 146 26.05 -5.06 0.83
CA GLY A 146 26.08 -6.46 0.44
C GLY A 146 24.75 -7.15 0.68
N VAL A 147 24.20 -6.99 1.88
CA VAL A 147 22.89 -7.58 2.19
C VAL A 147 21.84 -7.06 1.22
N PHE A 148 21.97 -5.81 0.77
CA PHE A 148 21.01 -5.28 -0.19
C PHE A 148 21.21 -5.91 -1.57
N SER A 149 22.46 -6.04 -2.02
CA SER A 149 22.72 -6.66 -3.31
C SER A 149 22.17 -8.08 -3.36
N LYS A 150 22.41 -8.87 -2.30
CA LYS A 150 21.84 -10.20 -2.21
C LYS A 150 20.32 -10.15 -2.38
N PHE A 151 19.65 -9.25 -1.66
CA PHE A 151 18.22 -9.06 -1.83
C PHE A 151 17.87 -8.86 -3.31
N ARG A 152 18.67 -8.05 -4.01
CA ARG A 152 18.45 -7.85 -5.43
C ARG A 152 18.67 -9.14 -6.21
N ASP A 153 19.76 -9.85 -5.91
CA ASP A 153 20.01 -11.13 -6.55
C ASP A 153 18.82 -12.07 -6.41
N ILE A 154 18.19 -12.07 -5.21
CA ILE A 154 17.06 -12.96 -4.97
C ILE A 154 15.91 -12.64 -5.92
N ALA A 155 15.57 -11.35 -6.02
CA ALA A 155 14.44 -10.95 -6.86
C ALA A 155 14.72 -11.13 -8.35
N ARG A 156 15.98 -11.26 -8.74
CA ARG A 156 16.31 -11.43 -10.16
C ARG A 156 16.18 -12.88 -10.62
N LEU A 157 16.17 -13.84 -9.69
CA LEU A 157 16.12 -15.24 -10.07
C LEU A 157 14.76 -15.59 -10.68
N THR A 158 14.79 -16.43 -11.72
CA THR A 158 13.59 -16.84 -12.43
C THR A 158 13.80 -18.22 -13.01
N GLY A 159 12.72 -18.80 -13.54
CA GLY A 159 12.80 -20.07 -14.22
C GLY A 159 12.73 -21.27 -13.30
N SER A 160 12.86 -22.44 -13.90
CA SER A 160 12.83 -23.69 -13.14
C SER A 160 13.90 -23.70 -12.07
N ALA A 161 13.60 -24.36 -10.96
CA ALA A 161 14.51 -24.52 -9.83
C ALA A 161 14.95 -23.19 -9.23
N SER A 162 14.26 -22.09 -9.55
CA SER A 162 14.64 -20.79 -9.01
C SER A 162 14.40 -20.73 -7.51
N THR A 163 13.30 -21.32 -7.03
CA THR A 163 13.03 -21.33 -5.60
C THR A 163 14.17 -21.94 -4.81
N ALA A 164 14.85 -22.93 -5.38
CA ALA A 164 16.00 -23.53 -4.70
C ALA A 164 17.14 -22.52 -4.56
N LYS A 165 17.47 -21.82 -5.64
CA LYS A 165 18.56 -20.85 -5.58
C LYS A 165 18.25 -19.73 -4.59
N LYS A 166 16.97 -19.38 -4.43
CA LYS A 166 16.62 -18.34 -3.47
C LYS A 166 16.96 -18.76 -2.04
N ILE A 167 16.64 -20.01 -1.68
CA ILE A 167 16.87 -20.46 -0.32
C ILE A 167 18.36 -20.54 -0.01
N ASP A 168 19.17 -20.96 -0.99
CA ASP A 168 20.62 -20.96 -0.79
C ASP A 168 21.11 -19.60 -0.35
N ILE A 169 20.67 -18.54 -1.03
CA ILE A 169 21.06 -17.19 -0.66
C ILE A 169 20.61 -16.87 0.76
N ILE A 170 19.32 -17.07 1.04
CA ILE A 170 18.78 -16.74 2.35
C ILE A 170 19.52 -17.49 3.45
N LYS A 171 19.95 -18.73 3.17
CA LYS A 171 20.72 -19.48 4.15
C LYS A 171 22.09 -18.84 4.36
N GLY A 172 22.77 -18.48 3.27
CA GLY A 172 24.05 -17.81 3.41
C GLY A 172 23.97 -16.53 4.21
N LEU A 173 22.83 -15.82 4.14
CA LEU A 173 22.67 -14.61 4.93
C LEU A 173 22.51 -14.94 6.41
N PHE A 174 21.72 -15.96 6.73
CA PHE A 174 21.52 -16.33 8.13
C PHE A 174 22.77 -16.97 8.72
N VAL A 175 23.62 -17.58 7.90
CA VAL A 175 24.85 -18.16 8.41
C VAL A 175 25.82 -17.07 8.84
N ALA A 176 25.80 -15.93 8.17
CA ALA A 176 26.70 -14.82 8.47
C ALA A 176 26.10 -13.81 9.43
N CYS A 177 24.92 -14.09 9.98
CA CYS A 177 24.23 -13.13 10.84
C CYS A 177 24.87 -13.07 12.22
N ARG A 178 24.79 -11.90 12.83
CA ARG A 178 25.31 -11.66 14.17
C ARG A 178 24.30 -10.85 14.96
N HIS A 179 24.14 -11.19 16.24
CA HIS A 179 23.28 -10.44 17.14
C HIS A 179 21.85 -10.35 16.62
N SER A 180 21.42 -9.15 16.24
CA SER A 180 20.06 -8.92 15.77
C SER A 180 19.93 -8.90 14.26
N GLU A 181 21.03 -9.07 13.52
CA GLU A 181 20.98 -9.01 12.07
C GLU A 181 19.93 -9.96 11.51
N ALA A 182 19.88 -11.19 12.02
CA ALA A 182 18.94 -12.17 11.50
C ALA A 182 17.50 -11.70 11.67
N ARG A 183 17.17 -11.13 12.82
CA ARG A 183 15.80 -10.70 13.08
C ARG A 183 15.26 -9.83 11.96
N PHE A 184 16.05 -8.84 11.52
CA PHE A 184 15.59 -7.91 10.50
C PHE A 184 15.81 -8.40 9.09
N ILE A 185 16.78 -9.30 8.87
CA ILE A 185 16.90 -9.95 7.57
C ILE A 185 15.65 -10.76 7.27
N ALA A 186 15.19 -11.53 8.27
CA ALA A 186 13.97 -12.30 8.09
C ALA A 186 12.77 -11.39 7.84
N ARG A 187 12.62 -10.34 8.66
CA ARG A 187 11.44 -9.48 8.55
C ARG A 187 11.44 -8.70 7.25
N SER A 188 12.62 -8.30 6.76
CA SER A 188 12.69 -7.66 5.45
C SER A 188 12.18 -8.58 4.36
N LEU A 189 12.63 -9.84 4.36
CA LEU A 189 12.26 -10.77 3.31
C LEU A 189 10.76 -11.04 3.31
N SER A 190 10.15 -11.16 4.48
CA SER A 190 8.71 -11.38 4.54
C SER A 190 7.92 -10.12 4.25
N GLY A 191 8.59 -8.98 4.06
CA GLY A 191 7.92 -7.73 3.76
C GLY A 191 7.33 -7.01 4.95
N ARG A 192 7.47 -7.55 6.16
CA ARG A 192 6.87 -6.97 7.36
C ARG A 192 7.98 -6.48 8.29
N LEU A 193 8.61 -5.38 7.90
CA LEU A 193 9.65 -4.79 8.74
C LEU A 193 9.06 -4.24 10.03
N ARG A 194 8.02 -3.41 9.90
CA ARG A 194 7.26 -2.86 11.02
C ARG A 194 8.18 -2.29 12.11
N LEU A 195 8.93 -1.26 11.72
CA LEU A 195 9.72 -0.49 12.67
C LEU A 195 8.92 0.61 13.36
N GLY A 196 7.71 0.89 12.90
CA GLY A 196 7.03 2.10 13.27
C GLY A 196 7.49 3.31 12.48
N LEU A 197 8.14 3.08 11.34
CA LEU A 197 8.74 4.14 10.54
C LEU A 197 8.76 3.68 9.09
N ALA A 198 8.23 4.51 8.19
CA ALA A 198 8.19 4.15 6.78
C ALA A 198 8.57 5.32 5.88
N GLU A 199 7.97 5.37 4.69
CA GLU A 199 8.39 6.33 3.67
C GLU A 199 8.48 7.75 4.22
N GLN A 200 7.39 8.25 4.78
CA GLN A 200 7.36 9.65 5.22
C GLN A 200 8.41 9.92 6.29
N SER A 201 8.59 8.98 7.22
CA SER A 201 9.61 9.19 8.26
C SER A 201 11.02 9.05 7.69
N VAL A 202 11.21 8.18 6.70
CA VAL A 202 12.53 8.04 6.09
C VAL A 202 12.92 9.32 5.36
N LEU A 203 11.98 9.88 4.58
CA LEU A 203 12.26 11.14 3.89
C LEU A 203 12.61 12.24 4.88
N ALA A 204 11.88 12.31 5.99
CA ALA A 204 12.21 13.29 7.04
C ALA A 204 13.60 13.03 7.59
N ALA A 205 13.93 11.75 7.85
CA ALA A 205 15.26 11.41 8.34
C ALA A 205 16.34 11.78 7.32
N LEU A 206 16.03 11.68 6.02
CA LEU A 206 17.02 11.99 5.00
C LEU A 206 17.26 13.49 4.91
N SER A 207 16.19 14.28 4.83
CA SER A 207 16.36 15.73 4.74
C SER A 207 17.05 16.28 5.98
N GLN A 208 16.83 15.65 7.13
CA GLN A 208 17.52 16.08 8.35
C GLN A 208 18.99 15.73 8.30
N ALA A 209 19.33 14.58 7.72
CA ALA A 209 20.72 14.14 7.69
C ALA A 209 21.54 14.98 6.72
N VAL A 210 21.02 15.24 5.52
CA VAL A 210 21.78 16.00 4.54
C VAL A 210 21.82 17.49 4.86
N SER A 211 20.94 17.97 5.73
CA SER A 211 21.01 19.37 6.16
C SER A 211 22.01 19.55 7.28
N LEU A 212 21.95 18.69 8.30
CA LEU A 212 22.90 18.77 9.41
C LEU A 212 24.31 18.39 8.95
N THR A 213 24.42 17.42 8.06
CA THR A 213 25.72 16.93 7.58
C THR A 213 25.71 17.00 6.05
N PRO A 214 26.08 18.13 5.48
CA PRO A 214 26.00 18.28 4.03
C PRO A 214 26.91 17.27 3.35
N PRO A 215 26.54 16.82 2.16
CA PRO A 215 27.39 15.88 1.42
C PRO A 215 28.47 16.62 0.64
N GLY A 216 29.41 15.82 0.10
CA GLY A 216 30.45 16.37 -0.73
C GLY A 216 31.50 17.18 -0.01
N GLN A 217 31.86 16.79 1.21
CA GLN A 217 32.88 17.48 1.99
C GLN A 217 34.18 16.70 1.94
N GLU A 218 35.28 17.41 1.70
CA GLU A 218 36.59 16.79 1.82
C GLU A 218 36.77 16.24 3.24
N PHE A 219 37.18 14.99 3.33
CA PHE A 219 37.33 14.34 4.64
C PHE A 219 38.60 14.82 5.33
N PRO A 220 38.50 15.06 6.65
CA PRO A 220 37.27 14.93 7.43
C PRO A 220 36.30 16.08 7.17
N PRO A 221 35.01 15.85 7.42
CA PRO A 221 34.01 16.90 7.15
C PRO A 221 34.12 18.03 8.16
N ALA A 222 34.25 19.26 7.64
CA ALA A 222 34.33 20.42 8.52
C ALA A 222 32.99 20.68 9.21
N MET A 223 31.90 20.65 8.44
CA MET A 223 30.57 20.91 8.97
C MET A 223 29.93 19.58 9.34
N VAL A 224 30.05 19.20 10.61
CA VAL A 224 29.43 17.97 11.10
C VAL A 224 27.99 18.20 11.53
N ASP A 225 27.71 19.34 12.15
CA ASP A 225 26.37 19.72 12.59
C ASP A 225 26.10 21.14 12.12
N ALA A 226 25.20 21.30 11.15
CA ALA A 226 24.90 22.61 10.60
C ALA A 226 23.88 23.39 11.43
N GLY A 227 23.17 22.72 12.33
CA GLY A 227 22.19 23.39 13.17
C GLY A 227 22.70 23.92 14.48
N LYS A 228 23.95 23.61 14.84
CA LYS A 228 24.48 24.05 16.13
C LYS A 228 24.44 25.57 16.24
N GLY A 229 24.73 26.28 15.15
CA GLY A 229 24.75 27.73 15.17
C GLY A 229 23.38 28.37 15.24
N LYS A 230 22.32 27.61 15.02
CA LYS A 230 20.97 28.16 15.02
C LYS A 230 20.33 27.98 16.40
N THR A 231 19.33 28.81 16.66
CA THR A 231 18.49 28.60 17.84
C THR A 231 17.61 27.38 17.63
N ALA A 232 17.00 26.91 18.72
CA ALA A 232 16.14 25.74 18.63
C ALA A 232 14.98 25.97 17.66
N GLU A 233 14.43 27.19 17.66
CA GLU A 233 13.33 27.49 16.75
C GLU A 233 13.80 27.55 15.31
N ALA A 234 14.79 28.40 15.03
CA ALA A 234 15.33 28.51 13.68
C ALA A 234 15.75 27.15 13.12
N ARG A 235 16.19 26.25 14.00
CA ARG A 235 16.58 24.91 13.55
C ARG A 235 15.36 24.10 13.12
N LYS A 236 14.27 24.16 13.89
CA LYS A 236 13.07 23.42 13.53
C LYS A 236 12.45 23.94 12.25
N THR A 237 12.29 25.27 12.14
CA THR A 237 11.74 25.85 10.92
C THR A 237 12.62 25.51 9.71
N TRP A 238 13.93 25.51 9.90
CA TRP A 238 14.85 25.20 8.81
C TRP A 238 14.76 23.75 8.38
N LEU A 239 14.51 22.83 9.32
CA LEU A 239 14.34 21.43 8.95
C LEU A 239 12.99 21.19 8.27
N GLU A 240 11.96 21.92 8.70
CA GLU A 240 10.66 21.79 8.04
C GLU A 240 10.73 22.29 6.60
N GLU A 241 11.40 23.42 6.38
CA GLU A 241 11.57 23.94 5.03
C GLU A 241 12.35 22.97 4.15
N GLN A 242 13.53 22.55 4.61
CA GLN A 242 14.30 21.56 3.88
C GLN A 242 13.50 20.27 3.70
N GLY A 243 12.74 19.88 4.71
CA GLY A 243 11.89 18.71 4.58
C GLY A 243 10.92 18.83 3.43
N MET A 244 10.24 19.97 3.33
CA MET A 244 9.26 20.16 2.28
C MET A 244 9.90 20.14 0.89
N ILE A 245 11.07 20.76 0.75
CA ILE A 245 11.79 20.70 -0.52
C ILE A 245 11.94 19.25 -0.97
N LEU A 246 12.38 18.38 -0.07
CA LEU A 246 12.58 16.98 -0.41
C LEU A 246 11.26 16.30 -0.73
N LYS A 247 10.25 16.47 0.13
CA LYS A 247 9.00 15.74 -0.06
C LYS A 247 8.25 16.22 -1.29
N GLN A 248 8.32 17.52 -1.60
CA GLN A 248 7.67 18.00 -2.82
C GLN A 248 8.31 17.37 -4.06
N THR A 249 9.64 17.30 -4.10
CA THR A 249 10.30 16.69 -5.24
C THR A 249 9.99 15.20 -5.33
N PHE A 250 9.98 14.51 -4.19
CA PHE A 250 9.71 13.08 -4.19
C PHE A 250 8.31 12.78 -4.69
N CYS A 251 7.32 13.59 -4.29
CA CYS A 251 5.96 13.41 -4.79
C CYS A 251 5.88 13.60 -6.29
N GLU A 252 6.81 14.34 -6.89
CA GLU A 252 6.90 14.45 -8.34
C GLU A 252 7.81 13.39 -8.94
N VAL A 253 8.85 12.99 -8.21
CA VAL A 253 9.84 12.04 -8.70
C VAL A 253 10.12 11.00 -7.61
N PRO A 254 9.16 10.12 -7.30
CA PRO A 254 9.39 9.12 -6.24
C PRO A 254 10.41 8.07 -6.66
N ASP A 255 11.65 8.50 -6.89
CA ASP A 255 12.67 7.63 -7.48
C ASP A 255 14.01 8.02 -6.85
N LEU A 256 14.44 7.25 -5.85
CA LEU A 256 15.69 7.56 -5.18
C LEU A 256 16.91 7.35 -6.06
N ASP A 257 16.80 6.49 -7.08
CA ASP A 257 17.89 6.33 -8.03
C ASP A 257 18.20 7.63 -8.74
N ARG A 258 17.23 8.53 -8.84
CA ARG A 258 17.43 9.83 -9.48
C ARG A 258 17.82 10.91 -8.49
N ILE A 259 17.34 10.82 -7.24
CA ILE A 259 17.49 11.92 -6.30
C ILE A 259 18.84 11.86 -5.59
N ILE A 260 19.18 10.71 -5.02
CA ILE A 260 20.40 10.60 -4.22
C ILE A 260 21.64 11.08 -5.00
N PRO A 261 21.89 10.62 -6.22
CA PRO A 261 23.02 11.18 -6.98
C PRO A 261 22.94 12.69 -7.12
N VAL A 262 21.76 13.22 -7.38
CA VAL A 262 21.57 14.66 -7.43
C VAL A 262 21.84 15.28 -6.07
N LEU A 263 21.44 14.58 -5.00
CA LEU A 263 21.59 15.14 -3.66
C LEU A 263 23.04 15.16 -3.22
N LEU A 264 23.74 14.03 -3.36
CA LEU A 264 25.14 13.96 -2.95
C LEU A 264 26.00 14.95 -3.72
N GLU A 265 25.67 15.23 -4.98
CA GLU A 265 26.51 16.08 -5.80
C GLU A 265 26.12 17.55 -5.72
N HIS A 266 24.83 17.86 -5.71
CA HIS A 266 24.36 19.24 -5.79
C HIS A 266 23.66 19.72 -4.52
N GLY A 267 23.55 18.88 -3.49
CA GLY A 267 22.91 19.29 -2.27
C GLY A 267 21.40 19.42 -2.40
N LEU A 268 20.71 19.58 -1.28
CA LEU A 268 19.25 19.56 -1.28
C LEU A 268 18.65 20.85 -1.83
N GLU A 269 19.30 21.99 -1.59
CA GLU A 269 18.73 23.26 -2.03
C GLU A 269 18.52 23.29 -3.54
N ARG A 270 19.50 22.80 -4.30
CA ARG A 270 19.42 22.79 -5.75
C ARG A 270 18.53 21.68 -6.30
N LEU A 271 17.97 20.82 -5.44
CA LEU A 271 17.27 19.64 -5.91
C LEU A 271 16.16 19.96 -6.90
N PRO A 272 15.25 20.89 -6.63
CA PRO A 272 14.16 21.16 -7.59
C PRO A 272 14.64 21.68 -8.93
N GLU A 273 15.96 21.82 -9.11
CA GLU A 273 16.53 22.24 -10.38
C GLU A 273 16.92 21.06 -11.26
N HIS A 274 17.30 19.93 -10.67
CA HIS A 274 17.72 18.75 -11.41
C HIS A 274 16.64 17.68 -11.49
N CYS A 275 15.87 17.49 -10.42
CA CYS A 275 14.80 16.49 -10.38
C CYS A 275 13.46 17.21 -10.38
N LYS A 276 12.76 17.18 -11.50
CA LYS A 276 11.47 17.85 -11.64
C LYS A 276 10.47 16.91 -12.30
N LEU A 277 9.19 17.19 -12.07
CA LEU A 277 8.12 16.39 -12.63
C LEU A 277 8.23 16.36 -14.16
N SER A 278 7.86 15.22 -14.75
CA SER A 278 8.00 15.05 -16.19
C SER A 278 7.39 13.75 -16.66
N PRO A 279 6.75 13.73 -17.83
CA PRO A 279 6.19 12.48 -18.34
C PRO A 279 7.26 11.41 -18.49
N GLY A 280 6.87 10.17 -18.21
CA GLY A 280 7.78 9.05 -18.20
C GLY A 280 8.19 8.60 -16.81
N ILE A 281 8.21 9.51 -15.86
CA ILE A 281 8.53 9.22 -14.46
C ILE A 281 7.24 9.29 -13.66
N PRO A 282 6.83 8.22 -13.00
CA PRO A 282 5.55 8.25 -12.27
C PRO A 282 5.63 9.16 -11.06
N LEU A 283 4.48 9.69 -10.66
CA LEU A 283 4.37 10.59 -9.52
C LEU A 283 3.34 10.06 -8.54
N LYS A 284 3.50 10.47 -7.28
CA LYS A 284 2.55 10.09 -6.25
C LYS A 284 1.16 10.60 -6.61
N PRO A 285 0.13 9.77 -6.56
CA PRO A 285 -1.22 10.21 -6.91
C PRO A 285 -1.97 10.82 -5.74
N MET A 286 -2.95 11.65 -6.06
CA MET A 286 -3.82 12.24 -5.06
C MET A 286 -4.77 11.17 -4.53
N LEU A 287 -4.74 10.94 -3.22
CA LEU A 287 -5.60 9.95 -2.58
C LEU A 287 -6.87 10.64 -2.08
N ALA A 288 -7.70 9.91 -1.33
CA ALA A 288 -8.94 10.46 -0.84
C ALA A 288 -9.25 9.89 0.54
N HIS A 289 -9.78 10.75 1.43
CA HIS A 289 -10.28 10.39 2.76
C HIS A 289 -11.75 10.04 2.68
N PRO A 290 -12.21 9.08 3.48
CA PRO A 290 -13.63 8.73 3.48
C PRO A 290 -14.45 9.75 4.26
N THR A 291 -15.65 10.03 3.75
CA THR A 291 -16.60 10.88 4.44
C THR A 291 -17.83 10.06 4.81
N ARG A 292 -18.42 10.38 5.95
CA ARG A 292 -19.53 9.61 6.49
C ARG A 292 -20.91 10.13 6.05
N GLY A 293 -20.99 11.29 5.43
CA GLY A 293 -22.28 11.81 5.04
C GLY A 293 -22.13 13.11 4.28
N ILE A 294 -23.21 13.49 3.59
CA ILE A 294 -23.22 14.72 2.83
C ILE A 294 -22.99 15.92 3.74
N SER A 295 -23.53 15.87 4.95
CA SER A 295 -23.30 16.95 5.91
C SER A 295 -21.82 17.14 6.18
N GLU A 296 -21.11 16.04 6.44
CA GLU A 296 -19.68 16.14 6.72
C GLU A 296 -18.92 16.80 5.58
N VAL A 297 -19.36 16.58 4.34
CA VAL A 297 -18.70 17.19 3.20
C VAL A 297 -18.70 18.72 3.35
N LEU A 298 -19.88 19.30 3.56
CA LEU A 298 -19.98 20.74 3.69
C LEU A 298 -19.28 21.26 4.94
N LYS A 299 -19.02 20.38 5.92
CA LYS A 299 -18.36 20.81 7.14
C LYS A 299 -16.85 20.89 6.98
N ARG A 300 -16.25 19.99 6.18
CA ARG A 300 -14.82 20.06 5.95
C ARG A 300 -14.47 21.08 4.87
N PHE A 301 -15.30 21.17 3.83
CA PHE A 301 -15.09 22.17 2.79
C PHE A 301 -15.66 23.53 3.16
N GLU A 302 -16.40 23.62 4.26
CA GLU A 302 -16.91 24.89 4.76
C GLU A 302 -17.60 25.72 3.67
N GLU A 303 -16.92 26.75 3.18
CA GLU A 303 -17.52 27.68 2.23
C GLU A 303 -16.90 27.58 0.84
N ALA A 304 -15.89 26.75 0.65
CA ALA A 304 -15.23 26.64 -0.66
C ALA A 304 -16.09 25.82 -1.62
N ALA A 305 -16.23 26.32 -2.84
CA ALA A 305 -16.98 25.61 -3.87
C ALA A 305 -16.26 24.31 -4.25
N PHE A 306 -17.05 23.29 -4.57
CA PHE A 306 -16.50 21.98 -4.91
C PHE A 306 -17.35 21.35 -6.02
N THR A 307 -16.97 20.14 -6.42
CA THR A 307 -17.67 19.41 -7.46
C THR A 307 -17.76 17.94 -7.08
N CYS A 308 -18.74 17.26 -7.66
CA CYS A 308 -18.99 15.84 -7.38
C CYS A 308 -18.81 15.05 -8.66
N GLU A 309 -18.08 13.93 -8.57
CA GLU A 309 -17.81 13.06 -9.70
C GLU A 309 -18.10 11.61 -9.33
N TYR A 310 -18.52 10.84 -10.33
CA TYR A 310 -18.72 9.41 -10.13
C TYR A 310 -17.40 8.77 -9.68
N LYS A 311 -17.52 7.69 -8.90
CA LYS A 311 -16.38 6.91 -8.45
C LYS A 311 -16.42 5.59 -9.21
N TYR A 312 -15.78 5.56 -10.39
CA TYR A 312 -15.82 4.38 -11.23
C TYR A 312 -15.01 3.25 -10.61
N ASP A 313 -15.54 2.03 -10.71
CA ASP A 313 -14.95 0.87 -10.03
C ASP A 313 -14.04 0.15 -11.02
N GLY A 314 -12.78 0.54 -11.04
CA GLY A 314 -11.78 -0.08 -11.89
C GLY A 314 -10.40 0.02 -11.29
N GLN A 315 -9.40 0.24 -12.14
CA GLN A 315 -8.01 0.40 -11.71
CA GLN A 315 -8.01 0.40 -11.71
C GLN A 315 -7.49 1.74 -12.20
N ARG A 316 -6.86 2.49 -11.29
CA ARG A 316 -6.31 3.79 -11.68
C ARG A 316 -5.26 3.61 -12.77
N ALA A 317 -5.28 4.51 -13.74
CA ALA A 317 -4.34 4.50 -14.84
C ALA A 317 -3.75 5.90 -15.00
N GLN A 318 -2.48 6.05 -14.65
CA GLN A 318 -1.78 7.33 -14.81
C GLN A 318 -1.07 7.30 -16.16
N ILE A 319 -1.64 7.99 -17.13
CA ILE A 319 -1.21 7.92 -18.52
C ILE A 319 -0.22 9.04 -18.79
N HIS A 320 0.97 8.67 -19.27
CA HIS A 320 2.00 9.63 -19.65
C HIS A 320 2.18 9.62 -21.16
N ALA A 321 2.31 10.80 -21.75
CA ALA A 321 2.62 10.95 -23.17
C ALA A 321 3.79 11.91 -23.30
N LEU A 322 4.96 11.37 -23.58
CA LEU A 322 6.18 12.18 -23.63
C LEU A 322 6.32 12.87 -24.97
N GLU A 323 7.17 13.89 -24.99
CA GLU A 323 7.51 14.55 -26.24
C GLU A 323 8.05 13.53 -27.25
N GLY A 324 7.59 13.62 -28.49
CA GLY A 324 7.97 12.65 -29.49
C GLY A 324 6.86 11.66 -29.79
N GLY A 325 6.26 11.11 -28.74
CA GLY A 325 5.13 10.22 -28.92
C GLY A 325 5.08 9.04 -27.96
N GLU A 326 6.20 8.74 -27.30
CA GLU A 326 6.23 7.58 -26.41
C GLU A 326 5.17 7.72 -25.32
N VAL A 327 4.51 6.60 -25.02
CA VAL A 327 3.40 6.57 -24.07
C VAL A 327 3.71 5.54 -22.99
N LYS A 328 3.56 5.96 -21.73
CA LYS A 328 3.70 5.07 -20.59
C LYS A 328 2.47 5.18 -19.71
N ILE A 329 2.14 4.09 -19.03
CA ILE A 329 0.98 4.03 -18.14
C ILE A 329 1.42 3.42 -16.82
N PHE A 330 1.05 4.07 -15.72
CA PHE A 330 1.47 3.64 -14.40
C PHE A 330 0.25 3.42 -13.51
N SER A 331 0.37 2.46 -12.59
CA SER A 331 -0.70 2.14 -11.67
C SER A 331 -0.74 3.16 -10.53
N ARG A 332 -1.61 2.90 -9.56
CA ARG A 332 -1.74 3.80 -8.42
C ARG A 332 -0.48 3.80 -7.56
N ASN A 333 0.32 2.74 -7.63
CA ASN A 333 1.53 2.61 -6.81
C ASN A 333 2.80 2.79 -7.63
N GLN A 334 2.72 3.51 -8.76
CA GLN A 334 3.86 3.77 -9.63
C GLN A 334 4.33 2.51 -10.36
N ALA A 335 3.52 1.46 -10.39
CA ALA A 335 3.86 0.25 -11.11
C ALA A 335 3.63 0.44 -12.60
N ASP A 336 4.53 -0.09 -13.41
CA ASP A 336 4.45 0.07 -14.86
C ASP A 336 3.45 -0.91 -15.43
N ASN A 337 2.36 -0.39 -16.02
CA ASN A 337 1.35 -1.19 -16.68
C ASN A 337 1.28 -0.92 -18.18
N THR A 338 2.30 -0.27 -18.74
CA THR A 338 2.26 0.07 -20.17
C THR A 338 1.97 -1.15 -21.02
N GLY A 339 2.70 -2.24 -20.81
CA GLY A 339 2.49 -3.45 -21.58
C GLY A 339 1.13 -4.09 -21.36
N LYS A 340 0.43 -3.72 -20.29
CA LYS A 340 -0.87 -4.32 -19.99
C LYS A 340 -1.98 -3.75 -20.87
N TYR A 341 -1.87 -2.48 -21.28
CA TYR A 341 -2.91 -1.80 -22.05
C TYR A 341 -2.38 -1.43 -23.42
N PRO A 342 -2.10 -2.41 -24.28
CA PRO A 342 -1.72 -2.09 -25.66
C PRO A 342 -2.86 -1.52 -26.48
N ASP A 343 -4.11 -1.71 -26.04
CA ASP A 343 -5.25 -1.12 -26.71
C ASP A 343 -5.36 0.38 -26.43
N ILE A 344 -5.12 0.77 -25.18
CA ILE A 344 -5.10 2.19 -24.84
C ILE A 344 -4.05 2.92 -25.67
N ILE A 345 -2.82 2.41 -25.66
CA ILE A 345 -1.72 3.07 -26.35
C ILE A 345 -2.04 3.32 -27.81
N SER A 346 -2.80 2.42 -28.44
CA SER A 346 -3.14 2.58 -29.85
C SER A 346 -4.19 3.66 -30.08
N ARG A 347 -4.94 4.05 -29.04
CA ARG A 347 -5.98 5.05 -29.20
C ARG A 347 -5.60 6.42 -28.63
N ILE A 348 -4.36 6.58 -28.16
CA ILE A 348 -3.93 7.88 -27.66
C ILE A 348 -4.10 8.98 -28.71
N PRO A 349 -3.74 8.77 -29.98
CA PRO A 349 -4.00 9.81 -30.99
C PRO A 349 -5.47 10.20 -31.07
N LYS A 350 -6.37 9.28 -30.71
CA LYS A 350 -7.80 9.51 -30.83
C LYS A 350 -8.37 10.35 -29.70
N ILE A 351 -7.60 10.59 -28.64
CA ILE A 351 -8.12 11.28 -27.46
C ILE A 351 -7.52 12.68 -27.27
N LYS A 352 -6.42 13.01 -27.95
CA LYS A 352 -5.75 14.28 -27.76
C LYS A 352 -5.83 15.10 -29.04
N LEU A 353 -6.03 16.41 -28.88
CA LEU A 353 -6.05 17.30 -30.04
C LEU A 353 -4.66 17.38 -30.65
N PRO A 354 -4.58 17.65 -31.97
CA PRO A 354 -3.26 17.69 -32.62
C PRO A 354 -2.28 18.66 -31.96
N SER A 355 -2.76 19.67 -31.23
CA SER A 355 -1.88 20.64 -30.58
C SER A 355 -1.27 20.10 -29.29
N VAL A 356 -1.71 18.96 -28.80
CA VAL A 356 -1.17 18.39 -27.57
C VAL A 356 0.11 17.63 -27.89
N THR A 357 1.22 18.03 -27.26
CA THR A 357 2.51 17.41 -27.50
C THR A 357 2.95 16.48 -26.36
N SER A 358 2.45 16.72 -25.14
CA SER A 358 2.76 15.87 -24.01
C SER A 358 1.76 16.16 -22.90
N PHE A 359 1.56 15.18 -22.02
CA PHE A 359 0.57 15.32 -20.96
C PHE A 359 0.74 14.20 -19.96
N ILE A 360 0.11 14.37 -18.81
CA ILE A 360 -0.04 13.34 -17.80
C ILE A 360 -1.49 13.36 -17.33
N LEU A 361 -2.23 12.31 -17.64
CA LEU A 361 -3.64 12.20 -17.27
C LEU A 361 -3.80 11.34 -16.02
N ASP A 362 -4.92 11.57 -15.33
CA ASP A 362 -5.31 10.77 -14.17
C ASP A 362 -6.69 10.20 -14.48
N THR A 363 -6.73 8.91 -14.81
CA THR A 363 -7.94 8.26 -15.31
C THR A 363 -8.24 7.02 -14.49
N GLU A 364 -9.41 6.45 -14.76
CA GLU A 364 -9.83 5.19 -14.15
C GLU A 364 -10.13 4.20 -15.27
N ALA A 365 -9.30 3.16 -15.39
CA ALA A 365 -9.53 2.11 -16.36
C ALA A 365 -10.68 1.23 -15.87
N VAL A 366 -11.74 1.12 -16.68
CA VAL A 366 -12.95 0.43 -16.29
C VAL A 366 -13.32 -0.57 -17.39
N ALA A 367 -13.73 -1.77 -16.98
CA ALA A 367 -14.13 -2.78 -17.94
C ALA A 367 -15.39 -2.34 -18.68
N TRP A 368 -15.38 -2.49 -20.00
CA TRP A 368 -16.45 -1.98 -20.85
C TRP A 368 -16.94 -3.07 -21.78
N ASP A 369 -18.25 -3.30 -21.80
CA ASP A 369 -18.87 -4.30 -22.66
C ASP A 369 -19.33 -3.62 -23.94
N ARG A 370 -18.57 -3.81 -25.02
CA ARG A 370 -18.88 -3.14 -26.27
C ARG A 370 -20.16 -3.65 -26.93
N GLU A 371 -20.71 -4.77 -26.46
CA GLU A 371 -21.99 -5.23 -26.99
C GLU A 371 -23.15 -4.48 -26.34
N LYS A 372 -23.22 -4.54 -25.00
CA LYS A 372 -24.31 -3.87 -24.29
C LYS A 372 -24.03 -2.38 -24.05
N LYS A 373 -22.78 -1.95 -24.19
CA LYS A 373 -22.40 -0.56 -23.97
C LYS A 373 -22.68 -0.15 -22.52
N GLN A 374 -22.02 -0.85 -21.59
CA GLN A 374 -22.22 -0.55 -20.18
C GLN A 374 -20.99 -0.99 -19.40
N ILE A 375 -20.79 -0.36 -18.24
CA ILE A 375 -19.66 -0.69 -17.39
C ILE A 375 -19.79 -2.11 -16.87
N GLN A 376 -18.64 -2.82 -16.82
CA GLN A 376 -18.60 -4.17 -16.25
C GLN A 376 -17.95 -4.14 -14.87
N PRO A 377 -18.35 -5.07 -13.99
CA PRO A 377 -17.83 -5.04 -12.62
C PRO A 377 -16.31 -5.09 -12.57
N PHE A 378 -15.77 -4.60 -11.46
CA PHE A 378 -14.32 -4.63 -11.26
C PHE A 378 -13.78 -6.05 -11.41
N GLN A 379 -14.59 -7.07 -11.12
CA GLN A 379 -14.13 -8.45 -11.25
C GLN A 379 -13.77 -8.77 -12.69
N VAL A 380 -14.58 -8.33 -13.65
CA VAL A 380 -14.27 -8.58 -15.05
C VAL A 380 -12.94 -7.93 -15.42
N LEU A 381 -12.67 -6.74 -14.88
CA LEU A 381 -11.41 -6.06 -15.17
C LEU A 381 -10.22 -6.87 -14.66
N THR A 382 -10.38 -7.57 -13.54
CA THR A 382 -9.27 -8.34 -12.97
C THR A 382 -8.86 -9.53 -13.83
N THR A 383 -9.66 -9.90 -14.83
CA THR A 383 -9.35 -11.03 -15.69
C THR A 383 -8.55 -10.63 -16.92
N ARG A 384 -8.07 -9.40 -16.99
CA ARG A 384 -7.21 -8.99 -18.10
C ARG A 384 -5.80 -9.52 -17.90
N LYS A 385 -5.18 -9.94 -19.00
CA LYS A 385 -3.77 -10.29 -18.96
C LYS A 385 -2.96 -9.07 -18.53
N ARG A 386 -1.85 -9.31 -17.84
CA ARG A 386 -1.11 -8.24 -17.20
C ARG A 386 0.25 -7.95 -17.83
N LYS A 387 0.87 -8.91 -18.50
CA LYS A 387 2.20 -8.70 -19.08
C LYS A 387 2.19 -9.04 -20.56
N GLU A 388 3.07 -8.36 -21.30
CA GLU A 388 3.27 -8.53 -22.74
C GLU A 388 1.99 -8.98 -23.44
N VAL A 389 1.00 -8.09 -23.50
CA VAL A 389 -0.28 -8.39 -24.10
C VAL A 389 -0.30 -7.90 -25.54
N ASP A 390 -0.83 -8.74 -26.43
CA ASP A 390 -1.02 -8.37 -27.83
C ASP A 390 -2.42 -7.79 -28.00
N ALA A 391 -2.52 -6.67 -28.71
CA ALA A 391 -3.79 -5.96 -28.81
C ALA A 391 -4.89 -6.86 -29.36
N SER A 392 -4.56 -7.74 -30.30
CA SER A 392 -5.58 -8.61 -30.89
C SER A 392 -6.14 -9.58 -29.86
N GLU A 393 -5.30 -10.07 -28.94
CA GLU A 393 -5.75 -11.05 -27.96
C GLU A 393 -6.77 -10.48 -26.97
N ILE A 394 -6.87 -9.15 -26.87
CA ILE A 394 -7.67 -8.55 -25.81
C ILE A 394 -9.10 -9.05 -25.86
N GLN A 395 -9.62 -9.46 -24.71
CA GLN A 395 -10.99 -9.93 -24.54
C GLN A 395 -11.86 -8.97 -23.74
N VAL A 396 -11.32 -8.39 -22.66
CA VAL A 396 -12.05 -7.43 -21.86
C VAL A 396 -11.65 -6.03 -22.33
N GLN A 397 -12.57 -5.36 -23.01
CA GLN A 397 -12.32 -3.98 -23.42
C GLN A 397 -12.30 -3.06 -22.21
N VAL A 398 -11.55 -1.97 -22.32
CA VAL A 398 -11.40 -1.00 -21.24
C VAL A 398 -11.84 0.36 -21.75
N CYS A 399 -12.57 1.09 -20.90
CA CYS A 399 -12.96 2.47 -21.17
C CYS A 399 -12.29 3.37 -20.15
N LEU A 400 -11.58 4.39 -20.63
CA LEU A 400 -10.89 5.34 -19.77
C LEU A 400 -11.84 6.45 -19.35
N TYR A 401 -11.90 6.71 -18.05
CA TYR A 401 -12.67 7.81 -17.49
C TYR A 401 -11.69 8.81 -16.88
N ALA A 402 -11.39 9.86 -17.64
CA ALA A 402 -10.43 10.86 -17.20
C ALA A 402 -11.06 11.81 -16.19
N PHE A 403 -10.30 12.16 -15.16
CA PHE A 403 -10.77 13.09 -14.15
C PHE A 403 -9.76 14.13 -13.73
N ASP A 404 -8.55 14.13 -14.29
CA ASP A 404 -7.57 15.15 -13.94
C ASP A 404 -6.46 15.17 -14.99
N LEU A 405 -5.79 16.32 -15.06
CA LEU A 405 -4.69 16.54 -15.99
C LEU A 405 -3.56 17.21 -15.21
N ILE A 406 -2.44 16.50 -15.08
CA ILE A 406 -1.35 16.93 -14.22
C ILE A 406 -0.22 17.63 -14.98
N TYR A 407 -0.13 17.44 -16.29
CA TYR A 407 0.97 17.93 -17.11
C TYR A 407 0.43 18.14 -18.51
N LEU A 408 0.81 19.25 -19.15
CA LEU A 408 0.31 19.54 -20.49
C LEU A 408 1.35 20.32 -21.27
N ASN A 409 1.80 19.74 -22.39
CA ASN A 409 2.68 20.41 -23.34
C ASN A 409 3.86 21.06 -22.62
N GLY A 410 4.54 20.29 -21.78
CA GLY A 410 5.73 20.72 -21.08
C GLY A 410 5.48 21.44 -19.77
N GLU A 411 4.31 22.04 -19.59
CA GLU A 411 4.01 22.76 -18.36
C GLU A 411 3.45 21.81 -17.30
N SER A 412 3.96 21.93 -16.08
CA SER A 412 3.40 21.23 -14.95
C SER A 412 2.14 21.96 -14.46
N LEU A 413 1.17 21.18 -13.99
CA LEU A 413 -0.06 21.74 -13.45
C LEU A 413 -0.25 21.38 -11.98
N VAL A 414 0.79 20.86 -11.32
CA VAL A 414 0.66 20.44 -9.92
C VAL A 414 0.17 21.60 -9.06
N ARG A 415 0.77 22.78 -9.25
CA ARG A 415 0.48 23.95 -8.42
C ARG A 415 -0.65 24.80 -8.98
N GLU A 416 -1.51 24.25 -9.83
CA GLU A 416 -2.64 24.97 -10.39
C GLU A 416 -3.95 24.49 -9.75
N PRO A 417 -4.99 25.32 -9.74
CA PRO A 417 -6.26 24.90 -9.15
C PRO A 417 -6.96 23.87 -10.03
N LEU A 418 -7.84 23.10 -9.40
CA LEU A 418 -8.55 22.06 -10.13
C LEU A 418 -9.47 22.64 -11.20
N SER A 419 -9.99 23.85 -10.97
CA SER A 419 -10.85 24.48 -11.97
C SER A 419 -10.12 24.61 -13.31
N ARG A 420 -8.88 25.13 -13.27
CA ARG A 420 -8.09 25.25 -14.48
C ARG A 420 -7.69 23.88 -15.00
N ARG A 421 -7.23 22.99 -14.11
CA ARG A 421 -6.83 21.65 -14.52
C ARG A 421 -7.96 20.93 -15.23
N ARG A 422 -9.18 21.02 -14.70
CA ARG A 422 -10.31 20.36 -15.35
C ARG A 422 -10.72 21.08 -16.62
N GLN A 423 -10.49 22.40 -16.69
CA GLN A 423 -10.83 23.14 -17.90
C GLN A 423 -9.87 22.80 -19.03
N LEU A 424 -8.57 22.68 -18.71
CA LEU A 424 -7.60 22.29 -19.73
C LEU A 424 -7.85 20.87 -20.21
N LEU A 425 -8.21 19.96 -19.31
CA LEU A 425 -8.51 18.60 -19.71
C LEU A 425 -9.65 18.57 -20.73
N ARG A 426 -10.72 19.31 -20.48
CA ARG A 426 -11.89 19.26 -21.33
C ARG A 426 -11.67 19.96 -22.67
N GLU A 427 -10.78 20.95 -22.71
CA GLU A 427 -10.55 21.70 -23.94
C GLU A 427 -9.48 21.10 -24.83
N ASN A 428 -8.63 20.23 -24.30
CA ASN A 428 -7.52 19.66 -25.05
C ASN A 428 -7.66 18.15 -25.26
N PHE A 429 -8.79 17.56 -24.89
CA PHE A 429 -9.01 16.14 -25.08
C PHE A 429 -10.42 15.90 -25.61
N VAL A 430 -10.55 14.85 -26.42
CA VAL A 430 -11.79 14.55 -27.13
C VAL A 430 -12.40 13.30 -26.52
N GLU A 431 -13.71 13.33 -26.32
CA GLU A 431 -14.44 12.20 -25.76
C GLU A 431 -14.88 11.25 -26.86
N THR A 432 -14.93 9.96 -26.52
CA THR A 432 -15.40 8.92 -27.42
C THR A 432 -16.15 7.88 -26.61
N GLU A 433 -17.41 7.65 -26.95
CA GLU A 433 -18.24 6.72 -26.19
C GLU A 433 -17.58 5.35 -26.10
N GLY A 434 -17.43 4.86 -24.88
CA GLY A 434 -16.89 3.54 -24.67
C GLY A 434 -15.40 3.42 -24.89
N GLU A 435 -14.65 4.51 -24.76
CA GLU A 435 -13.20 4.48 -24.92
C GLU A 435 -12.53 5.51 -24.03
N PHE A 436 -12.78 6.80 -24.29
CA PHE A 436 -12.22 7.88 -23.50
C PHE A 436 -13.31 8.91 -23.25
N VAL A 437 -13.73 9.05 -22.00
CA VAL A 437 -14.79 9.99 -21.63
C VAL A 437 -14.43 10.62 -20.29
N PHE A 438 -14.85 11.88 -20.13
CA PHE A 438 -14.63 12.59 -18.88
C PHE A 438 -15.58 12.08 -17.80
N ALA A 439 -15.10 12.04 -16.57
CA ALA A 439 -15.92 11.56 -15.47
C ALA A 439 -17.18 12.41 -15.33
N THR A 440 -18.32 11.74 -15.16
CA THR A 440 -19.57 12.44 -14.92
C THR A 440 -19.44 13.30 -13.67
N SER A 441 -19.75 14.60 -13.82
CA SER A 441 -19.55 15.55 -12.74
C SER A 441 -20.83 16.33 -12.48
N LEU A 442 -20.77 17.14 -11.42
CA LEU A 442 -21.87 18.03 -11.04
C LEU A 442 -21.36 19.08 -10.06
N ASP A 443 -21.30 20.34 -10.50
CA ASP A 443 -20.85 21.43 -9.66
C ASP A 443 -22.06 21.99 -8.91
N THR A 444 -22.07 21.83 -7.59
CA THR A 444 -23.23 22.27 -6.82
C THR A 444 -22.90 22.27 -5.34
N LYS A 445 -23.40 23.30 -4.64
CA LYS A 445 -23.43 23.32 -3.19
C LYS A 445 -24.79 22.88 -2.64
N ASP A 446 -25.77 22.66 -3.51
CA ASP A 446 -27.11 22.26 -3.09
C ASP A 446 -27.07 20.89 -2.43
N ILE A 447 -27.50 20.84 -1.17
CA ILE A 447 -27.44 19.58 -0.41
C ILE A 447 -28.39 18.54 -0.97
N GLU A 448 -29.38 18.94 -1.77
CA GLU A 448 -30.38 18.00 -2.24
C GLU A 448 -29.92 17.23 -3.47
N GLN A 449 -29.40 17.95 -4.48
CA GLN A 449 -28.93 17.28 -5.68
C GLN A 449 -27.80 16.30 -5.40
N ILE A 450 -26.95 16.63 -4.42
CA ILE A 450 -25.85 15.72 -4.05
C ILE A 450 -26.41 14.35 -3.69
N ALA A 451 -27.33 14.30 -2.73
CA ALA A 451 -27.96 13.04 -2.37
C ALA A 451 -28.57 12.35 -3.58
N GLU A 452 -29.22 13.12 -4.46
CA GLU A 452 -29.74 12.56 -5.71
C GLU A 452 -28.60 12.06 -6.58
N PHE A 453 -27.50 12.83 -6.66
CA PHE A 453 -26.39 12.45 -7.51
C PHE A 453 -25.70 11.18 -6.99
N LEU A 454 -25.54 11.07 -5.67
CA LEU A 454 -24.96 9.84 -5.11
C LEU A 454 -25.83 8.63 -5.44
N GLU A 455 -27.15 8.74 -5.22
CA GLU A 455 -28.04 7.66 -5.62
C GLU A 455 -27.93 7.38 -7.10
N GLN A 456 -27.87 8.43 -7.92
CA GLN A 456 -27.76 8.24 -9.37
C GLN A 456 -26.46 7.58 -9.76
N SER A 457 -25.37 7.84 -9.02
CA SER A 457 -24.08 7.25 -9.37
C SER A 457 -24.12 5.74 -9.24
N VAL A 458 -24.63 5.24 -8.11
CA VAL A 458 -24.69 3.79 -7.90
C VAL A 458 -25.53 3.14 -8.99
N LYS A 459 -26.66 3.75 -9.34
CA LYS A 459 -27.49 3.22 -10.42
C LYS A 459 -26.72 3.13 -11.74
N ASP A 460 -25.67 3.93 -11.90
CA ASP A 460 -24.87 3.95 -13.12
C ASP A 460 -23.60 3.11 -13.02
N SER A 461 -23.57 2.15 -12.08
CA SER A 461 -22.48 1.18 -11.99
C SER A 461 -21.20 1.83 -11.45
N CYS A 462 -21.31 2.46 -10.28
CA CYS A 462 -20.18 3.09 -9.63
C CYS A 462 -20.27 2.84 -8.13
N GLU A 463 -19.15 3.09 -7.44
CA GLU A 463 -19.12 2.95 -5.99
C GLU A 463 -19.91 4.07 -5.31
N GLY A 464 -19.68 5.30 -5.75
CA GLY A 464 -20.31 6.46 -5.15
C GLY A 464 -19.86 7.75 -5.81
N LEU A 465 -19.34 8.69 -5.01
CA LEU A 465 -18.95 9.99 -5.50
C LEU A 465 -17.59 10.38 -4.95
N MET A 466 -16.83 11.10 -5.78
CA MET A 466 -15.65 11.82 -5.33
C MET A 466 -16.00 13.31 -5.26
N VAL A 467 -15.62 13.94 -4.15
CA VAL A 467 -15.87 15.36 -3.94
C VAL A 467 -14.54 16.08 -3.88
N LYS A 468 -14.42 17.16 -4.63
CA LYS A 468 -13.15 17.89 -4.74
C LYS A 468 -13.42 19.38 -4.83
N THR A 469 -12.62 20.15 -4.09
CA THR A 469 -12.70 21.60 -4.21
C THR A 469 -12.15 22.06 -5.55
N LEU A 470 -12.61 23.23 -5.99
CA LEU A 470 -12.25 23.75 -7.30
C LEU A 470 -11.27 24.90 -7.28
N ASP A 471 -11.13 25.61 -6.15
CA ASP A 471 -10.21 26.74 -6.09
C ASP A 471 -9.48 26.80 -4.75
N VAL A 472 -10.19 26.53 -3.66
CA VAL A 472 -9.64 26.66 -2.31
C VAL A 472 -8.93 25.36 -1.95
N ASP A 473 -7.61 25.42 -1.84
CA ASP A 473 -6.79 24.23 -1.57
C ASP A 473 -7.17 23.10 -2.52
N ALA A 474 -7.20 23.41 -3.81
CA ALA A 474 -7.57 22.47 -4.86
C ALA A 474 -6.40 22.19 -5.80
N THR A 475 -5.19 22.16 -5.25
CA THR A 475 -4.00 21.89 -6.04
C THR A 475 -3.73 20.38 -6.08
N TYR A 476 -2.60 19.98 -6.66
CA TYR A 476 -2.20 18.60 -6.77
C TYR A 476 -0.82 18.40 -6.12
N GLU A 477 -0.59 19.07 -5.00
CA GLU A 477 0.68 18.99 -4.28
C GLU A 477 0.51 17.96 -3.17
N ILE A 478 0.88 16.71 -3.47
CA ILE A 478 0.75 15.64 -2.48
C ILE A 478 1.63 15.93 -1.27
N ALA A 479 2.69 16.71 -1.44
CA ALA A 479 3.57 17.03 -0.32
C ALA A 479 2.83 17.82 0.74
N LYS A 480 2.00 18.78 0.34
CA LYS A 480 1.28 19.61 1.29
C LYS A 480 0.08 18.91 1.89
N ARG A 481 -0.48 17.91 1.20
CA ARG A 481 -1.63 17.17 1.71
C ARG A 481 -2.00 16.05 0.75
N SER A 482 -1.71 14.80 1.14
CA SER A 482 -1.88 13.67 0.24
C SER A 482 -3.33 13.24 0.08
N HIS A 483 -4.16 13.49 1.09
CA HIS A 483 -5.56 13.06 1.04
C HIS A 483 -6.48 14.27 0.92
N ASN A 484 -6.38 15.00 -0.18
CA ASN A 484 -7.13 16.24 -0.34
C ASN A 484 -8.56 16.01 -0.80
N TRP A 485 -8.80 14.97 -1.59
CA TRP A 485 -10.14 14.66 -2.08
C TRP A 485 -10.93 13.92 -1.00
N LEU A 486 -12.24 13.79 -1.24
CA LEU A 486 -13.15 13.09 -0.34
C LEU A 486 -13.93 12.04 -1.13
N LYS A 487 -13.97 10.82 -0.60
CA LYS A 487 -14.75 9.74 -1.20
C LYS A 487 -16.01 9.52 -0.38
N LEU A 488 -17.15 9.50 -1.06
CA LEU A 488 -18.46 9.33 -0.43
C LEU A 488 -19.09 8.05 -0.98
N LYS A 489 -18.93 6.95 -0.26
CA LYS A 489 -19.44 5.66 -0.69
C LYS A 489 -20.69 5.30 0.13
N LYS A 490 -21.67 4.68 -0.55
CA LYS A 490 -22.92 4.35 0.11
C LYS A 490 -22.69 3.52 1.36
N ASP A 491 -21.71 2.61 1.33
CA ASP A 491 -21.46 1.76 2.49
C ASP A 491 -20.76 2.49 3.62
N TYR A 492 -20.44 3.77 3.45
CA TYR A 492 -19.93 4.58 4.55
C TYR A 492 -21.03 5.09 5.47
N LEU A 493 -22.26 5.17 4.97
CA LEU A 493 -23.36 5.74 5.75
C LEU A 493 -23.80 4.78 6.84
N ASP A 494 -23.95 5.30 8.06
CA ASP A 494 -24.35 4.50 9.21
C ASP A 494 -25.85 4.25 9.15
N GLY A 495 -26.24 3.33 8.27
CA GLY A 495 -27.63 2.94 8.15
C GLY A 495 -28.10 2.69 6.73
N VAL A 496 -27.18 2.74 5.78
CA VAL A 496 -27.50 2.56 4.37
C VAL A 496 -26.87 1.29 3.81
N GLY A 497 -25.61 1.02 4.16
CA GLY A 497 -24.93 -0.15 3.64
C GLY A 497 -25.64 -1.44 4.00
N ASP A 498 -25.13 -2.53 3.43
CA ASP A 498 -25.68 -3.87 3.66
C ASP A 498 -24.93 -4.52 4.82
N THR A 499 -25.65 -4.83 5.89
CA THR A 499 -25.08 -5.45 7.08
C THR A 499 -25.52 -6.90 7.17
N LEU A 500 -24.62 -7.77 7.62
CA LEU A 500 -24.89 -9.18 7.77
C LEU A 500 -24.50 -9.64 9.17
N ASP A 501 -25.22 -10.65 9.67
CA ASP A 501 -24.92 -11.28 10.96
C ASP A 501 -24.30 -12.64 10.65
N LEU A 502 -23.01 -12.78 10.96
CA LEU A 502 -22.25 -13.96 10.59
C LEU A 502 -21.71 -14.66 11.83
N VAL A 503 -21.34 -15.93 11.65
CA VAL A 503 -20.98 -16.80 12.77
C VAL A 503 -19.46 -16.96 12.80
N VAL A 504 -18.86 -16.75 13.97
CA VAL A 504 -17.43 -16.94 14.17
C VAL A 504 -17.17 -18.43 14.31
N ILE A 505 -16.47 -19.01 13.33
CA ILE A 505 -16.21 -20.44 13.32
C ILE A 505 -14.73 -20.78 13.44
N GLY A 506 -13.84 -19.79 13.37
CA GLY A 506 -12.42 -20.06 13.48
C GLY A 506 -11.65 -18.78 13.65
N ALA A 507 -10.46 -18.91 14.26
CA ALA A 507 -9.60 -17.78 14.56
C ALA A 507 -8.21 -18.02 14.00
N TYR A 508 -7.55 -16.93 13.64
CA TYR A 508 -6.18 -16.96 13.10
C TYR A 508 -5.26 -16.22 14.04
N LEU A 509 -4.12 -16.83 14.34
CA LEU A 509 -3.11 -16.17 15.18
C LEU A 509 -2.59 -14.93 14.47
N GLY A 510 -2.56 -13.81 15.20
CA GLY A 510 -2.17 -12.55 14.61
C GLY A 510 -0.67 -12.37 14.49
N ARG A 511 -0.29 -11.39 13.68
CA ARG A 511 1.11 -11.05 13.44
C ARG A 511 1.38 -9.62 13.88
N GLY A 512 2.65 -9.34 14.17
CA GLY A 512 3.06 -8.02 14.61
C GLY A 512 2.27 -7.50 15.78
N LYS A 513 1.50 -6.43 15.56
CA LYS A 513 0.65 -5.88 16.61
C LYS A 513 -0.20 -6.97 17.25
N ARG A 514 -0.79 -7.83 16.44
CA ARG A 514 -1.72 -8.86 16.91
C ARG A 514 -1.01 -10.08 17.48
N ALA A 515 0.32 -10.10 17.47
CA ALA A 515 1.05 -11.24 18.03
C ALA A 515 0.54 -11.57 19.43
N GLY A 516 0.33 -12.86 19.68
CA GLY A 516 -0.15 -13.32 20.96
C GLY A 516 -1.66 -13.31 21.12
N ARG A 517 -2.41 -12.98 20.07
CA ARG A 517 -3.86 -12.98 20.12
C ARG A 517 -4.39 -13.21 18.71
N TYR A 518 -5.72 -13.17 18.58
CA TYR A 518 -6.36 -13.35 17.29
C TYR A 518 -6.30 -12.05 16.50
N GLY A 519 -5.80 -12.12 15.28
CA GLY A 519 -5.74 -10.96 14.40
C GLY A 519 -6.77 -11.03 13.30
N GLY A 520 -7.27 -12.23 13.05
CA GLY A 520 -8.32 -12.42 12.05
C GLY A 520 -9.21 -13.57 12.46
N PHE A 521 -10.42 -13.58 11.88
CA PHE A 521 -11.41 -14.60 12.18
C PHE A 521 -12.02 -15.12 10.89
N LEU A 522 -12.61 -16.32 10.98
CA LEU A 522 -13.33 -16.93 9.88
C LEU A 522 -14.81 -16.89 10.20
N LEU A 523 -15.60 -16.32 9.29
CA LEU A 523 -17.03 -16.15 9.49
C LEU A 523 -17.81 -17.05 8.53
N ALA A 524 -19.01 -17.43 8.94
CA ALA A 524 -19.85 -18.31 8.15
C ALA A 524 -21.30 -17.85 8.22
N SER A 525 -22.06 -18.20 7.19
CA SER A 525 -23.49 -17.97 7.15
C SER A 525 -24.23 -19.30 7.34
N TYR A 526 -25.53 -19.22 7.52
CA TYR A 526 -26.36 -20.38 7.82
C TYR A 526 -27.14 -20.79 6.57
N ASP A 527 -26.91 -22.03 6.12
CA ASP A 527 -27.64 -22.60 4.98
C ASP A 527 -28.75 -23.48 5.55
N GLU A 528 -29.96 -22.93 5.61
CA GLU A 528 -31.08 -23.62 6.25
C GLU A 528 -31.48 -24.90 5.53
N ASP A 529 -31.12 -25.05 4.26
CA ASP A 529 -31.46 -26.26 3.52
C ASP A 529 -30.73 -27.46 4.09
N SER A 530 -29.41 -27.48 3.99
CA SER A 530 -28.61 -28.57 4.53
C SER A 530 -28.37 -28.44 6.03
N GLU A 531 -28.74 -27.32 6.64
CA GLU A 531 -28.54 -27.09 8.07
C GLU A 531 -27.06 -27.12 8.43
N GLU A 532 -26.26 -26.42 7.61
CA GLU A 532 -24.82 -26.36 7.80
C GLU A 532 -24.35 -24.91 7.78
N LEU A 533 -23.27 -24.65 8.52
CA LEU A 533 -22.64 -23.34 8.53
C LEU A 533 -21.60 -23.29 7.42
N GLN A 534 -21.77 -22.34 6.50
CA GLN A 534 -20.91 -22.19 5.33
C GLN A 534 -20.01 -20.98 5.51
N ALA A 535 -18.70 -21.22 5.56
CA ALA A 535 -17.74 -20.12 5.61
C ALA A 535 -18.00 -19.15 4.47
N ILE A 536 -17.88 -17.85 4.77
CA ILE A 536 -18.16 -16.81 3.78
C ILE A 536 -17.06 -15.79 3.63
N CYS A 537 -16.22 -15.56 4.64
CA CYS A 537 -15.09 -14.64 4.51
C CYS A 537 -14.34 -14.61 5.82
N LYS A 538 -13.12 -14.09 5.77
CA LYS A 538 -12.37 -13.80 6.98
C LYS A 538 -12.61 -12.36 7.42
N LEU A 539 -12.22 -12.05 8.65
CA LEU A 539 -12.45 -10.74 9.22
C LEU A 539 -11.19 -10.30 9.97
N GLY A 540 -10.71 -9.10 9.67
CA GLY A 540 -9.46 -8.64 10.24
C GLY A 540 -9.45 -7.20 10.71
N THR A 541 -10.43 -6.41 10.30
CA THR A 541 -10.47 -4.99 10.65
C THR A 541 -11.86 -4.61 11.11
N GLY A 542 -11.92 -3.54 11.90
CA GLY A 542 -13.17 -2.97 12.38
C GLY A 542 -13.26 -2.87 13.89
N PHE A 543 -12.55 -3.73 14.61
CA PHE A 543 -12.57 -3.75 16.06
C PHE A 543 -11.38 -3.01 16.64
N SER A 544 -11.60 -2.36 17.78
CA SER A 544 -10.53 -1.68 18.48
C SER A 544 -9.57 -2.67 19.11
N ASP A 545 -8.45 -2.16 19.62
CA ASP A 545 -7.54 -3.01 20.39
C ASP A 545 -8.25 -3.58 21.61
N GLU A 546 -9.11 -2.78 22.26
CA GLU A 546 -9.89 -3.29 23.38
C GLU A 546 -10.89 -4.34 22.93
N GLU A 547 -11.71 -4.03 21.91
CA GLU A 547 -12.66 -5.00 21.41
C GLU A 547 -11.96 -6.30 21.01
N LEU A 548 -10.76 -6.19 20.45
CA LEU A 548 -10.04 -7.38 20.01
C LEU A 548 -9.49 -8.19 21.17
N GLU A 549 -9.33 -7.58 22.34
CA GLU A 549 -8.95 -8.35 23.51
C GLU A 549 -10.15 -9.07 24.13
N GLU A 550 -11.29 -8.39 24.18
CA GLU A 550 -12.52 -9.04 24.63
C GLU A 550 -12.89 -10.21 23.74
N HIS A 551 -12.62 -10.10 22.43
CA HIS A 551 -12.85 -11.23 21.53
C HIS A 551 -11.92 -12.39 21.83
N HIS A 552 -10.70 -12.10 22.30
CA HIS A 552 -9.82 -13.16 22.77
C HIS A 552 -10.29 -13.72 24.11
N GLN A 553 -11.06 -12.94 24.86
CA GLN A 553 -11.61 -13.42 26.14
C GLN A 553 -12.79 -14.36 25.92
N SER A 554 -13.78 -13.94 25.13
CA SER A 554 -14.99 -14.71 24.96
C SER A 554 -14.80 -15.95 24.08
N LEU A 555 -13.80 -15.94 23.20
CA LEU A 555 -13.61 -17.04 22.25
C LEU A 555 -12.65 -18.11 22.76
N LYS A 556 -11.92 -17.86 23.84
CA LYS A 556 -10.97 -18.85 24.33
C LYS A 556 -11.66 -20.14 24.74
N ALA A 557 -12.88 -20.04 25.29
CA ALA A 557 -13.59 -21.24 25.75
C ALA A 557 -14.17 -22.04 24.59
N LEU A 558 -14.57 -21.37 23.50
CA LEU A 558 -15.15 -22.05 22.35
C LEU A 558 -14.11 -22.76 21.49
N VAL A 559 -12.84 -22.74 21.88
CA VAL A 559 -11.80 -23.38 21.09
C VAL A 559 -12.03 -24.89 21.07
N LEU A 560 -11.80 -25.50 19.90
CA LEU A 560 -12.01 -26.92 19.71
C LEU A 560 -10.75 -27.55 19.12
N PRO A 561 -10.55 -28.85 19.37
CA PRO A 561 -9.40 -29.54 18.75
C PRO A 561 -9.68 -29.93 17.31
N SER A 562 -10.94 -30.24 17.02
CA SER A 562 -11.35 -30.69 15.70
C SER A 562 -12.59 -29.92 15.25
N PRO A 563 -12.70 -29.61 13.96
CA PRO A 563 -13.88 -28.89 13.48
C PRO A 563 -15.14 -29.72 13.63
N ARG A 564 -16.30 -29.02 13.54
CA ARG A 564 -17.59 -29.70 13.64
C ARG A 564 -18.03 -30.19 12.27
N PRO A 565 -18.72 -31.33 12.21
CA PRO A 565 -19.11 -31.89 10.91
C PRO A 565 -20.06 -31.00 10.11
N TYR A 566 -20.81 -30.11 10.76
CA TYR A 566 -21.74 -29.24 10.06
C TYR A 566 -21.14 -27.88 9.73
N VAL A 567 -19.82 -27.76 9.75
CA VAL A 567 -19.12 -26.55 9.35
C VAL A 567 -18.30 -26.88 8.12
N ARG A 568 -18.65 -26.26 6.99
CA ARG A 568 -18.00 -26.51 5.70
C ARG A 568 -17.29 -25.25 5.25
N ILE A 569 -15.97 -25.35 5.05
CA ILE A 569 -15.18 -24.20 4.64
C ILE A 569 -14.59 -24.36 3.24
N ASP A 570 -14.43 -25.58 2.76
CA ASP A 570 -13.92 -25.85 1.40
C ASP A 570 -12.54 -25.19 1.28
N GLY A 571 -12.29 -24.39 0.26
CA GLY A 571 -10.94 -23.90 -0.02
C GLY A 571 -10.46 -22.77 0.86
N ALA A 572 -11.22 -22.38 1.87
CA ALA A 572 -10.77 -21.32 2.77
C ALA A 572 -9.59 -21.80 3.62
N VAL A 573 -8.75 -20.86 4.03
CA VAL A 573 -7.61 -21.20 4.87
C VAL A 573 -8.09 -21.83 6.16
N ILE A 574 -7.46 -22.92 6.56
CA ILE A 574 -7.84 -23.59 7.81
C ILE A 574 -7.45 -22.70 8.99
N PRO A 575 -8.38 -22.37 9.88
CA PRO A 575 -8.03 -21.53 11.03
C PRO A 575 -7.04 -22.23 11.95
N ASP A 576 -6.16 -21.45 12.56
CA ASP A 576 -5.22 -22.00 13.51
C ASP A 576 -5.93 -22.60 14.71
N HIS A 577 -7.02 -21.96 15.15
CA HIS A 577 -7.86 -22.47 16.23
C HIS A 577 -9.29 -22.59 15.72
N TRP A 578 -9.81 -23.81 15.72
CA TRP A 578 -11.23 -23.99 15.43
C TRP A 578 -12.05 -23.46 16.60
N LEU A 579 -13.27 -23.01 16.29
CA LEU A 579 -14.15 -22.42 17.29
C LEU A 579 -15.52 -23.09 17.22
N ASP A 580 -16.13 -23.28 18.38
CA ASP A 580 -17.49 -23.79 18.45
C ASP A 580 -18.44 -22.71 17.99
N PRO A 581 -19.23 -22.93 16.94
CA PRO A 581 -20.14 -21.88 16.46
C PRO A 581 -21.04 -21.35 17.56
N SER A 582 -20.79 -20.12 18.00
CA SER A 582 -21.54 -19.56 19.12
C SER A 582 -21.71 -18.04 18.98
N ALA A 583 -20.62 -17.34 18.70
CA ALA A 583 -20.67 -15.89 18.61
C ALA A 583 -21.14 -15.45 17.23
N VAL A 584 -22.05 -14.48 17.20
CA VAL A 584 -22.54 -13.88 15.97
C VAL A 584 -22.11 -12.41 15.95
N TRP A 585 -21.59 -11.96 14.82
CA TRP A 585 -21.11 -10.60 14.67
C TRP A 585 -21.83 -9.91 13.52
N GLU A 586 -22.08 -8.61 13.68
CA GLU A 586 -22.57 -7.80 12.57
C GLU A 586 -21.39 -7.38 11.70
N VAL A 587 -21.51 -7.61 10.40
CA VAL A 587 -20.43 -7.34 9.46
C VAL A 587 -20.98 -6.50 8.32
N LYS A 588 -20.20 -5.52 7.88
CA LYS A 588 -20.57 -4.63 6.79
C LYS A 588 -19.59 -4.79 5.64
N CYS A 589 -20.06 -4.53 4.43
CA CYS A 589 -19.25 -4.70 3.24
C CYS A 589 -19.74 -3.73 2.17
N ALA A 590 -18.87 -3.50 1.16
CA ALA A 590 -19.24 -2.62 0.07
C ALA A 590 -20.01 -3.33 -1.03
N ASP A 591 -19.85 -4.64 -1.17
CA ASP A 591 -20.52 -5.42 -2.19
C ASP A 591 -20.30 -6.90 -1.87
N LEU A 592 -20.94 -7.75 -2.68
CA LEU A 592 -20.73 -9.19 -2.64
C LEU A 592 -20.12 -9.63 -3.97
N SER A 593 -19.43 -10.77 -3.94
CA SER A 593 -18.75 -11.27 -5.12
C SER A 593 -18.88 -12.79 -5.18
N LEU A 594 -18.66 -13.33 -6.38
CA LEU A 594 -18.59 -14.78 -6.55
C LEU A 594 -17.22 -15.27 -6.14
N SER A 595 -17.18 -16.32 -5.32
CA SER A 595 -15.90 -16.73 -4.75
C SER A 595 -15.40 -18.01 -5.38
N PRO A 596 -14.11 -18.08 -5.72
CA PRO A 596 -13.52 -19.34 -6.19
C PRO A 596 -13.23 -20.32 -5.08
N ILE A 597 -13.28 -19.89 -3.82
CA ILE A 597 -12.92 -20.75 -2.69
C ILE A 597 -14.03 -20.86 -1.67
N TYR A 598 -14.95 -19.86 -1.56
CA TYR A 598 -15.87 -19.95 -0.43
C TYR A 598 -17.14 -20.72 -0.82
N PRO A 599 -17.69 -21.47 0.13
CA PRO A 599 -18.82 -22.35 -0.18
C PRO A 599 -20.18 -21.72 0.12
N ALA A 600 -20.17 -20.56 0.77
CA ALA A 600 -21.41 -19.93 1.19
C ALA A 600 -22.32 -19.67 0.00
N ALA A 601 -23.53 -20.24 0.04
CA ALA A 601 -24.55 -20.02 -0.97
C ALA A 601 -24.14 -20.59 -2.32
N ARG A 602 -23.30 -21.62 -2.34
CA ARG A 602 -22.90 -22.24 -3.59
C ARG A 602 -24.10 -22.96 -4.23
N GLY A 603 -24.23 -22.81 -5.55
CA GLY A 603 -25.32 -23.40 -6.28
C GLY A 603 -26.57 -22.55 -6.35
N LEU A 604 -26.67 -21.48 -5.55
CA LEU A 604 -27.83 -20.61 -5.58
C LEU A 604 -27.74 -19.54 -6.66
N VAL A 605 -26.53 -19.22 -7.14
CA VAL A 605 -26.35 -18.24 -8.20
C VAL A 605 -25.47 -18.83 -9.29
N ASP A 606 -24.30 -19.33 -8.89
CA ASP A 606 -23.38 -19.99 -9.81
C ASP A 606 -23.29 -21.47 -9.45
N SER A 607 -23.05 -22.30 -10.48
CA SER A 607 -22.96 -23.73 -10.26
C SER A 607 -21.81 -24.07 -9.30
N ASP A 608 -20.62 -23.55 -9.59
CA ASP A 608 -19.42 -23.96 -8.87
C ASP A 608 -18.97 -22.96 -7.81
N LYS A 609 -19.32 -21.69 -7.93
CA LYS A 609 -18.77 -20.65 -7.07
C LYS A 609 -19.77 -20.25 -5.99
N GLY A 610 -19.24 -19.99 -4.79
CA GLY A 610 -20.01 -19.43 -3.70
C GLY A 610 -20.01 -17.92 -3.71
N ILE A 611 -20.17 -17.33 -2.54
CA ILE A 611 -20.30 -15.88 -2.41
C ILE A 611 -19.49 -15.40 -1.21
N SER A 612 -18.71 -14.34 -1.42
CA SER A 612 -17.90 -13.76 -0.35
C SER A 612 -18.19 -12.26 -0.22
N LEU A 613 -17.43 -11.57 0.61
CA LEU A 613 -17.68 -10.17 0.94
C LEU A 613 -16.50 -9.31 0.52
N ARG A 614 -16.79 -8.18 -0.12
CA ARG A 614 -15.76 -7.23 -0.53
C ARG A 614 -15.63 -6.16 0.55
N PHE A 615 -14.47 -6.12 1.21
CA PHE A 615 -14.18 -5.12 2.22
C PHE A 615 -14.98 -5.35 3.49
N PRO A 616 -14.97 -6.57 4.05
CA PRO A 616 -15.72 -6.80 5.30
C PRO A 616 -15.02 -6.16 6.47
N ARG A 617 -15.82 -5.65 7.41
CA ARG A 617 -15.28 -5.12 8.65
C ARG A 617 -16.27 -5.36 9.77
N PHE A 618 -15.73 -5.59 10.97
CA PHE A 618 -16.55 -5.81 12.15
C PHE A 618 -17.25 -4.51 12.55
N ILE A 619 -18.50 -4.63 12.99
CA ILE A 619 -19.26 -3.48 13.45
C ILE A 619 -19.46 -3.59 14.96
N ARG A 620 -20.33 -4.52 15.38
CA ARG A 620 -20.59 -4.75 16.78
C ARG A 620 -20.96 -6.21 16.98
N VAL A 621 -21.03 -6.61 18.25
CA VAL A 621 -21.46 -7.97 18.58
C VAL A 621 -22.98 -8.03 18.58
N ARG A 622 -23.52 -9.18 18.21
CA ARG A 622 -24.96 -9.43 18.20
C ARG A 622 -25.25 -10.50 19.24
N GLU A 623 -25.24 -10.09 20.51
CA GLU A 623 -25.60 -11.02 21.59
C GLU A 623 -27.04 -11.50 21.46
N ASP A 624 -27.89 -10.76 20.76
CA ASP A 624 -29.30 -11.09 20.64
C ASP A 624 -29.59 -12.15 19.59
N LYS A 625 -28.57 -12.72 18.96
CA LYS A 625 -28.77 -13.73 17.92
C LYS A 625 -27.93 -14.96 18.21
N GLN A 626 -28.45 -16.11 17.82
CA GLN A 626 -27.76 -17.39 17.84
C GLN A 626 -27.40 -17.81 16.42
N PRO A 627 -26.56 -18.83 16.27
CA PRO A 627 -26.15 -19.23 14.91
C PRO A 627 -27.31 -19.51 13.97
N GLU A 628 -28.35 -20.22 14.42
CA GLU A 628 -29.47 -20.53 13.54
C GLU A 628 -30.15 -19.26 13.02
N GLN A 629 -30.14 -18.19 13.81
CA GLN A 629 -30.76 -16.93 13.43
C GLN A 629 -29.82 -16.02 12.65
N ALA A 630 -28.63 -16.48 12.30
CA ALA A 630 -27.72 -15.68 11.51
C ALA A 630 -28.22 -15.57 10.08
N THR A 631 -27.65 -14.62 9.35
CA THR A 631 -28.02 -14.42 7.95
C THR A 631 -27.89 -15.73 7.18
N THR A 632 -28.97 -16.10 6.49
CA THR A 632 -29.01 -17.37 5.78
C THR A 632 -28.28 -17.26 4.44
N SER A 633 -27.83 -18.41 3.94
CA SER A 633 -27.17 -18.43 2.64
C SER A 633 -28.12 -17.99 1.54
N ALA A 634 -29.40 -18.34 1.65
CA ALA A 634 -30.38 -17.85 0.70
C ALA A 634 -30.42 -16.32 0.69
N GLN A 635 -30.37 -15.70 1.87
CA GLN A 635 -30.34 -14.26 1.94
C GLN A 635 -29.11 -13.69 1.24
N VAL A 636 -27.95 -14.30 1.46
CA VAL A 636 -26.73 -13.88 0.76
C VAL A 636 -26.96 -13.86 -0.74
N ALA A 637 -27.59 -14.92 -1.26
CA ALA A 637 -27.88 -14.98 -2.69
C ALA A 637 -28.75 -13.82 -3.13
N CYS A 638 -29.84 -13.57 -2.41
CA CYS A 638 -30.72 -12.46 -2.77
C CYS A 638 -29.95 -11.14 -2.82
N LEU A 639 -28.99 -10.96 -1.91
CA LEU A 639 -28.22 -9.72 -1.89
C LEU A 639 -27.35 -9.60 -3.14
N TYR A 640 -26.67 -10.67 -3.53
CA TYR A 640 -25.82 -10.62 -4.72
C TYR A 640 -26.62 -10.22 -5.95
N ARG A 641 -27.80 -10.83 -6.13
CA ARG A 641 -28.64 -10.47 -7.26
C ARG A 641 -29.11 -9.01 -7.18
N LYS A 642 -29.29 -8.50 -5.96
CA LYS A 642 -29.77 -7.13 -5.81
C LYS A 642 -28.83 -6.12 -6.46
N GLN A 643 -27.56 -6.48 -6.60
CA GLN A 643 -26.58 -5.59 -7.22
C GLN A 643 -26.72 -5.52 -8.74
N SER A 644 -27.48 -6.43 -9.34
CA SER A 644 -27.67 -6.44 -10.79
C SER A 644 -26.34 -6.55 -11.52
#